data_8IW3
#
_entry.id   8IW3
#
_cell.length_a   51.360
_cell.length_b   140.030
_cell.length_c   58.260
_cell.angle_alpha   90.000
_cell.angle_beta   101.410
_cell.angle_gamma   90.000
#
_symmetry.space_group_name_H-M   'P 1 21 1'
#
loop_
_entity.id
_entity.type
_entity.pdbx_description
1 polymer 'Alpha/beta fold hydrolase'
2 non-polymer '2-[[[[(4-CHLORO-6-METHOXY-2-PYRIMIDINYL)AMINO]CARBONYL]AMINO]SULFONYL]BENZOIC ACID ETHYL ESTER'
3 non-polymer 'L(+)-TARTARIC ACID'
4 non-polymer GLYCEROL
5 water water
#
_entity_poly.entity_id   1
_entity_poly.type   'polypeptide(L)'
_entity_poly.pdbx_seq_one_letter_code
;METDNVELAQSKRKVVLAEQGSFYIGGRTVTGPGKFDPSKPVIPYSNEGATFYINQMYVNFQAPVRPRGLPLVFWHGGGL
TGHIWESTPDGRPGFQTLFVQDRHTVYTIDQPGRGRGNIPTFNGPFGQLEEESIVNTVTGNSSKEGAWVRDRLGPAPGQF
FENSQFPRGYEDNYFKEMGFSPSISSDEIVDAVVKLVTHIGPCVLVTHAASGVLGMRVATHAKNVRGIVAYEPATSIFPK
GKVPEIPPLADKKSQIFPPFEIQESYFKKLAKIPIQFVFGDNIPKNPKSAYWFLDWWRVTRYAHSLSLEAINKLGGQASL
LDLPTAGLRGNTAFPFTDRNNVQVASLLSDFLGKHGLDQNESLEHHHHHH
;
_entity_poly.pdbx_strand_id   A,B
#
# COMPACT_ATOMS: atom_id res chain seq x y z
N LYS A 12 8.89 23.61 -5.69
CA LYS A 12 7.53 23.91 -6.15
C LYS A 12 6.67 22.65 -6.12
N ARG A 13 5.59 22.71 -5.35
CA ARG A 13 4.84 21.51 -5.02
C ARG A 13 3.55 21.36 -5.81
N LYS A 14 3.18 22.35 -6.61
CA LYS A 14 1.87 22.37 -7.27
C LYS A 14 1.82 21.41 -8.45
N VAL A 15 0.67 20.78 -8.64
CA VAL A 15 0.50 19.73 -9.64
C VAL A 15 -0.91 19.80 -10.20
N VAL A 16 -1.03 19.84 -11.53
CA VAL A 16 -2.33 19.85 -12.21
C VAL A 16 -2.51 18.54 -12.95
N LEU A 17 -3.53 17.77 -12.57
CA LEU A 17 -3.76 16.45 -13.11
C LEU A 17 -4.99 16.44 -14.01
N ALA A 18 -4.80 15.97 -15.25
CA ALA A 18 -5.95 15.70 -16.11
C ALA A 18 -6.79 14.56 -15.54
N GLU A 19 -6.15 13.59 -14.90
CA GLU A 19 -6.85 12.48 -14.25
C GLU A 19 -5.87 11.78 -13.33
N GLN A 20 -6.43 11.09 -12.33
CA GLN A 20 -5.63 10.24 -11.45
C GLN A 20 -6.50 9.08 -11.01
N GLY A 21 -5.84 8.02 -10.53
CA GLY A 21 -6.60 6.92 -9.99
C GLY A 21 -5.69 5.71 -9.78
N SER A 22 -6.33 4.59 -9.46
CA SER A 22 -5.58 3.38 -9.22
C SER A 22 -6.44 2.16 -9.55
N PHE A 23 -5.78 1.03 -9.75
CA PHE A 23 -6.49 -0.18 -10.16
C PHE A 23 -5.62 -1.39 -9.83
N TYR A 24 -6.25 -2.55 -9.87
CA TYR A 24 -5.57 -3.84 -9.70
C TYR A 24 -5.45 -4.53 -11.04
N ILE A 25 -4.33 -5.21 -11.25
CA ILE A 25 -4.08 -5.93 -12.50
C ILE A 25 -3.24 -7.18 -12.20
N GLY A 26 -3.45 -8.21 -13.02
CA GLY A 26 -2.69 -9.44 -12.89
C GLY A 26 -3.20 -10.32 -11.75
N GLY A 27 -2.45 -11.40 -11.51
CA GLY A 27 -2.82 -12.35 -10.48
C GLY A 27 -3.58 -13.55 -11.02
N ARG A 28 -3.93 -14.44 -10.09
CA ARG A 28 -4.68 -15.65 -10.41
C ARG A 28 -5.62 -15.94 -9.23
N THR A 29 -6.28 -17.09 -9.25
CA THR A 29 -7.11 -17.53 -8.14
C THR A 29 -6.69 -18.92 -7.69
N VAL A 30 -6.97 -19.20 -6.42
CA VAL A 30 -6.86 -20.55 -5.86
C VAL A 30 -8.13 -20.81 -5.07
N THR A 31 -8.46 -22.09 -4.89
CA THR A 31 -9.75 -22.44 -4.33
C THR A 31 -9.58 -23.41 -3.17
N GLY A 32 -10.41 -23.20 -2.13
CA GLY A 32 -10.48 -24.15 -1.03
C GLY A 32 -11.35 -25.34 -1.38
N PRO A 33 -11.46 -26.26 -0.44
CA PRO A 33 -12.31 -27.44 -0.66
C PRO A 33 -13.76 -27.17 -0.27
N GLY A 34 -14.64 -28.00 -0.79
CA GLY A 34 -16.02 -27.95 -0.37
C GLY A 34 -16.82 -26.81 -0.98
N LYS A 35 -17.86 -26.40 -0.24
CA LYS A 35 -18.91 -25.54 -0.76
C LYS A 35 -19.17 -24.38 0.20
N PHE A 36 -19.69 -23.30 -0.37
CA PHE A 36 -20.10 -22.13 0.40
C PHE A 36 -21.62 -22.15 0.58
N ASP A 37 -22.06 -22.12 1.83
CA ASP A 37 -23.48 -22.06 2.20
C ASP A 37 -23.76 -20.73 2.86
N PRO A 38 -24.53 -19.84 2.23
CA PRO A 38 -24.76 -18.50 2.81
C PRO A 38 -25.59 -18.52 4.08
N SER A 39 -26.23 -19.63 4.43
CA SER A 39 -27.00 -19.68 5.67
C SER A 39 -26.12 -19.96 6.88
N LYS A 40 -24.91 -20.46 6.66
CA LYS A 40 -24.05 -20.80 7.79
C LYS A 40 -23.19 -19.60 8.18
N PRO A 41 -22.71 -19.56 9.41
CA PRO A 41 -21.93 -18.40 9.86
C PRO A 41 -20.72 -18.14 8.96
N VAL A 42 -20.62 -16.90 8.47
CA VAL A 42 -19.54 -16.54 7.55
C VAL A 42 -18.28 -16.13 8.32
N ILE A 43 -18.43 -15.74 9.58
CA ILE A 43 -17.31 -15.35 10.42
C ILE A 43 -17.35 -16.23 11.66
N PRO A 44 -16.22 -16.84 12.08
CA PRO A 44 -14.86 -16.73 11.52
C PRO A 44 -14.74 -17.22 10.09
N TYR A 45 -13.89 -16.54 9.32
CA TYR A 45 -13.75 -16.85 7.90
C TYR A 45 -13.20 -18.26 7.71
N SER A 46 -13.65 -18.88 6.63
CA SER A 46 -13.38 -20.28 6.33
C SER A 46 -12.84 -20.41 4.92
N ASN A 47 -12.05 -21.47 4.68
CA ASN A 47 -11.56 -21.75 3.33
C ASN A 47 -12.58 -22.63 2.61
N GLU A 48 -13.69 -22.95 3.28
CA GLU A 48 -14.68 -23.84 2.67
C GLU A 48 -15.44 -23.18 1.55
N GLY A 49 -15.34 -23.73 0.35
CA GLY A 49 -16.01 -23.14 -0.81
C GLY A 49 -15.41 -21.80 -1.14
N ALA A 50 -14.12 -21.66 -0.89
CA ALA A 50 -13.51 -20.36 -1.07
C ALA A 50 -12.81 -20.11 -2.37
N THR A 51 -12.88 -18.89 -2.86
CA THR A 51 -12.12 -18.52 -4.04
C THR A 51 -11.30 -17.36 -3.53
N PHE A 52 -9.99 -17.44 -3.70
CA PHE A 52 -9.10 -16.37 -3.26
C PHE A 52 -8.36 -15.82 -4.46
N TYR A 53 -8.37 -14.49 -4.62
CA TYR A 53 -7.53 -13.84 -5.61
C TYR A 53 -6.13 -13.62 -5.01
N ILE A 54 -5.10 -14.07 -5.72
CA ILE A 54 -3.74 -13.98 -5.19
C ILE A 54 -2.79 -13.41 -6.23
N ASN A 55 -1.75 -12.73 -5.72
CA ASN A 55 -0.60 -12.28 -6.49
C ASN A 55 -0.93 -11.18 -7.49
N GLN A 56 -2.04 -10.47 -7.27
CA GLN A 56 -2.37 -9.28 -8.05
C GLN A 56 -1.51 -8.10 -7.61
N MET A 57 -1.42 -7.10 -8.51
CA MET A 57 -0.58 -5.92 -8.32
C MET A 57 -1.43 -4.65 -8.26
N TYR A 58 -1.02 -3.71 -7.39
CA TYR A 58 -1.64 -2.39 -7.29
C TYR A 58 -0.92 -1.40 -8.20
N VAL A 59 -1.70 -0.59 -8.92
CA VAL A 59 -1.15 0.40 -9.85
C VAL A 59 -1.82 1.75 -9.60
N ASN A 60 -1.01 2.79 -9.47
CA ASN A 60 -1.48 4.17 -9.34
C ASN A 60 -1.02 4.95 -10.57
N PHE A 61 -1.86 5.86 -11.07
CA PHE A 61 -1.44 6.70 -12.19
C PHE A 61 -1.86 8.15 -11.96
N GLN A 62 -1.03 9.06 -12.46
CA GLN A 62 -1.34 10.49 -12.48
C GLN A 62 -0.95 11.01 -13.85
N ALA A 63 -1.89 11.65 -14.53
CA ALA A 63 -1.65 12.12 -15.88
C ALA A 63 -1.70 13.64 -15.90
N PRO A 64 -0.73 14.30 -16.52
CA PRO A 64 -0.79 15.76 -16.64
C PRO A 64 -1.72 16.18 -17.77
N VAL A 65 -2.00 17.47 -17.82
CA VAL A 65 -2.65 18.03 -19.00
C VAL A 65 -1.62 18.12 -20.12
N ARG A 66 -2.03 17.71 -21.32
CA ARG A 66 -1.16 17.68 -22.50
C ARG A 66 0.14 16.92 -22.21
N PRO A 67 0.08 15.61 -21.99
CA PRO A 67 1.31 14.85 -21.75
C PRO A 67 2.19 14.86 -22.98
N ARG A 68 3.49 14.78 -22.76
CA ARG A 68 4.45 14.65 -23.84
C ARG A 68 5.28 13.39 -23.64
N GLY A 69 5.53 12.67 -24.73
CA GLY A 69 6.37 11.50 -24.63
C GLY A 69 5.66 10.34 -23.96
N LEU A 70 6.47 9.35 -23.56
CA LEU A 70 5.92 8.09 -23.09
C LEU A 70 5.64 8.12 -21.59
N PRO A 71 4.65 7.35 -21.13
CA PRO A 71 4.45 7.22 -19.69
C PRO A 71 5.63 6.52 -19.04
N LEU A 72 5.89 6.90 -17.79
CA LEU A 72 6.94 6.32 -16.98
C LEU A 72 6.31 5.39 -15.97
N VAL A 73 6.89 4.21 -15.81
CA VAL A 73 6.45 3.24 -14.79
C VAL A 73 7.55 3.14 -13.76
N PHE A 74 7.31 3.65 -12.55
CA PHE A 74 8.27 3.63 -11.46
C PHE A 74 8.07 2.38 -10.63
N TRP A 75 9.13 1.59 -10.47
CA TRP A 75 9.08 0.26 -9.85
C TRP A 75 10.02 0.23 -8.66
N HIS A 76 9.45 0.22 -7.45
CA HIS A 76 10.20 0.25 -6.20
C HIS A 76 11.15 -0.94 -6.07
N GLY A 77 12.16 -0.76 -5.23
CA GLY A 77 13.12 -1.80 -4.91
C GLY A 77 12.60 -2.77 -3.86
N GLY A 78 13.51 -3.62 -3.39
CA GLY A 78 13.10 -4.73 -2.54
C GLY A 78 12.53 -4.26 -1.21
N GLY A 79 11.37 -4.79 -0.85
CA GLY A 79 10.79 -4.46 0.44
C GLY A 79 10.20 -3.08 0.54
N LEU A 80 9.94 -2.44 -0.59
CA LEU A 80 9.48 -1.04 -0.63
C LEU A 80 8.10 -1.00 -1.29
N THR A 81 7.59 0.22 -1.48
CA THR A 81 6.31 0.44 -2.14
C THR A 81 6.42 1.71 -3.00
N GLY A 82 5.34 2.03 -3.71
CA GLY A 82 5.27 3.28 -4.44
C GLY A 82 5.50 4.54 -3.61
N HIS A 83 5.46 4.45 -2.27
CA HIS A 83 5.74 5.62 -1.43
C HIS A 83 7.05 6.29 -1.82
N ILE A 84 8.07 5.52 -2.18
CA ILE A 84 9.40 6.09 -2.39
C ILE A 84 9.46 7.01 -3.60
N TRP A 85 8.47 6.92 -4.48
CA TRP A 85 8.36 7.84 -5.60
C TRP A 85 7.43 9.00 -5.31
N GLU A 86 6.66 8.93 -4.22
CA GLU A 86 5.72 9.99 -3.87
C GLU A 86 6.40 11.14 -3.14
N SER A 87 7.22 10.82 -2.15
CA SER A 87 7.81 11.80 -1.24
C SER A 87 9.11 11.23 -0.74
N THR A 88 10.02 12.12 -0.35
CA THR A 88 11.24 11.73 0.36
C THR A 88 10.92 11.54 1.84
N PRO A 89 11.83 10.97 2.64
CA PRO A 89 11.51 10.76 4.06
C PRO A 89 11.31 12.06 4.81
N ASP A 90 11.93 13.14 4.36
CA ASP A 90 11.74 14.45 4.97
C ASP A 90 10.67 15.28 4.28
N GLY A 91 9.87 14.67 3.41
CA GLY A 91 8.66 15.30 2.92
C GLY A 91 8.82 16.15 1.68
N ARG A 92 9.96 16.08 1.00
CA ARG A 92 10.12 16.78 -0.27
C ARG A 92 9.47 15.98 -1.39
N PRO A 93 9.10 16.63 -2.49
CA PRO A 93 8.44 15.92 -3.60
C PRO A 93 9.31 14.79 -4.15
N GLY A 94 8.65 13.66 -4.42
CA GLY A 94 9.28 12.53 -5.07
C GLY A 94 9.18 12.63 -6.58
N PHE A 95 9.73 11.63 -7.27
CA PHE A 95 9.75 11.63 -8.72
C PHE A 95 8.36 11.62 -9.34
N GLN A 96 7.34 11.12 -8.64
CA GLN A 96 5.98 11.16 -9.17
C GLN A 96 5.59 12.60 -9.47
N THR A 97 5.70 13.48 -8.48
CA THR A 97 5.41 14.90 -8.68
C THR A 97 6.35 15.53 -9.69
N LEU A 98 7.65 15.26 -9.58
CA LEU A 98 8.60 15.94 -10.46
C LEU A 98 8.34 15.60 -11.93
N PHE A 99 7.96 14.36 -12.22
CA PHE A 99 7.80 14.01 -13.62
C PHE A 99 6.40 14.24 -14.17
N VAL A 100 5.39 14.34 -13.31
CA VAL A 100 4.12 14.90 -13.78
C VAL A 100 4.32 16.36 -14.15
N GLN A 101 5.10 17.10 -13.35
CA GLN A 101 5.46 18.47 -13.69
C GLN A 101 6.29 18.53 -14.97
N ASP A 102 7.11 17.50 -15.24
CA ASP A 102 7.85 17.37 -16.49
C ASP A 102 6.98 16.82 -17.62
N ARG A 103 5.65 16.80 -17.42
CA ARG A 103 4.66 16.52 -18.46
C ARG A 103 4.65 15.07 -18.93
N HIS A 104 5.05 14.13 -18.06
CA HIS A 104 4.87 12.71 -18.30
C HIS A 104 3.72 12.19 -17.45
N THR A 105 2.93 11.29 -18.03
CA THR A 105 2.04 10.46 -17.24
C THR A 105 2.90 9.52 -16.41
N VAL A 106 2.58 9.37 -15.13
CA VAL A 106 3.41 8.64 -14.19
C VAL A 106 2.59 7.51 -13.58
N TYR A 107 3.06 6.28 -13.77
CA TYR A 107 2.54 5.10 -13.07
C TYR A 107 3.48 4.73 -11.94
N THR A 108 2.91 4.45 -10.76
CA THR A 108 3.67 3.86 -9.66
C THR A 108 2.98 2.57 -9.27
N ILE A 109 3.75 1.54 -8.97
CA ILE A 109 3.17 0.24 -8.64
C ILE A 109 3.57 -0.17 -7.23
N ASP A 110 2.74 -1.03 -6.63
CA ASP A 110 3.12 -1.86 -5.50
C ASP A 110 3.06 -3.29 -6.03
N GLN A 111 4.22 -3.93 -6.21
CA GLN A 111 4.26 -5.22 -6.88
C GLN A 111 3.58 -6.29 -6.03
N PRO A 112 3.21 -7.44 -6.62
CA PRO A 112 2.59 -8.50 -5.81
C PRO A 112 3.49 -8.81 -4.63
N GLY A 113 2.87 -8.90 -3.45
CA GLY A 113 3.58 -9.20 -2.22
C GLY A 113 4.07 -7.99 -1.44
N ARG A 114 3.82 -6.78 -1.93
CA ARG A 114 4.32 -5.57 -1.27
C ARG A 114 3.23 -4.52 -1.24
N GLY A 115 3.12 -3.83 -0.10
CA GLY A 115 2.21 -2.70 0.01
C GLY A 115 0.79 -3.09 -0.35
N ARG A 116 0.20 -2.35 -1.28
CA ARG A 116 -1.16 -2.63 -1.68
C ARG A 116 -1.28 -3.82 -2.65
N GLY A 117 -0.16 -4.38 -3.12
CA GLY A 117 -0.19 -5.66 -3.82
C GLY A 117 -0.66 -6.76 -2.89
N ASN A 118 -1.00 -7.91 -3.47
CA ASN A 118 -1.57 -8.97 -2.64
C ASN A 118 -0.49 -9.72 -1.86
N ILE A 119 -0.81 -10.01 -0.59
CA ILE A 119 -0.05 -10.93 0.24
C ILE A 119 -0.84 -12.24 0.32
N PRO A 120 -0.40 -13.31 -0.33
CA PRO A 120 -1.27 -14.50 -0.42
C PRO A 120 -1.30 -15.35 0.85
N THR A 121 -2.29 -15.11 1.69
CA THR A 121 -2.48 -15.94 2.87
C THR A 121 -3.97 -16.11 3.11
N PHE A 122 -4.31 -17.09 3.95
CA PHE A 122 -5.68 -17.62 3.98
C PHE A 122 -6.12 -17.85 5.42
N ASN A 123 -6.90 -18.89 5.68
CA ASN A 123 -7.25 -19.26 7.05
C ASN A 123 -6.41 -20.46 7.44
N GLY A 124 -5.34 -20.19 8.19
CA GLY A 124 -4.37 -21.18 8.54
C GLY A 124 -3.01 -20.54 8.70
N PRO A 125 -1.98 -21.35 8.95
CA PRO A 125 -0.62 -20.80 9.03
C PRO A 125 -0.27 -19.97 7.81
N PHE A 126 0.51 -18.91 8.02
CA PHE A 126 0.77 -17.93 6.97
C PHE A 126 1.17 -18.60 5.65
N GLY A 127 0.45 -18.25 4.58
CA GLY A 127 0.78 -18.71 3.24
C GLY A 127 0.25 -20.09 2.87
N GLN A 128 -0.42 -20.77 3.79
CA GLN A 128 -0.82 -22.15 3.58
C GLN A 128 -2.31 -22.21 3.29
N LEU A 129 -2.67 -22.87 2.19
CA LEU A 129 -4.06 -23.12 1.83
C LEU A 129 -4.30 -24.61 1.94
N GLU A 130 -4.86 -25.05 3.06
CA GLU A 130 -5.00 -26.47 3.38
C GLU A 130 -3.61 -27.09 3.29
N GLU A 131 -3.38 -28.08 2.42
CA GLU A 131 -2.12 -28.79 2.32
C GLU A 131 -1.15 -28.16 1.33
N GLU A 132 -1.50 -27.04 0.70
CA GLU A 132 -0.64 -26.43 -0.31
C GLU A 132 0.04 -25.19 0.25
N SER A 133 1.34 -25.08 0.02
CA SER A 133 2.12 -23.93 0.43
C SER A 133 2.16 -22.95 -0.73
N ILE A 134 1.39 -21.86 -0.63
CA ILE A 134 1.40 -20.85 -1.68
C ILE A 134 2.60 -19.93 -1.53
N VAL A 135 2.89 -19.49 -0.30
CA VAL A 135 4.17 -18.87 0.05
C VAL A 135 4.62 -19.46 1.39
N ASN A 136 5.91 -19.30 1.68
CA ASN A 136 6.50 -19.89 2.87
C ASN A 136 5.99 -19.23 4.14
N THR A 137 5.76 -20.05 5.18
CA THR A 137 5.41 -19.53 6.50
C THR A 137 6.58 -18.79 7.15
N VAL A 138 7.81 -19.22 6.92
CA VAL A 138 8.98 -18.54 7.48
C VAL A 138 9.32 -17.37 6.59
N THR A 139 9.40 -16.18 7.17
CA THR A 139 9.72 -14.97 6.44
C THR A 139 11.17 -14.54 6.67
N GLY A 140 11.63 -13.64 5.81
CA GLY A 140 12.87 -12.93 6.05
C GLY A 140 12.65 -11.43 5.90
N ASN A 141 13.47 -10.66 6.60
CA ASN A 141 13.28 -9.21 6.61
C ASN A 141 14.52 -8.51 7.14
N SER A 142 14.97 -7.45 6.47
CA SER A 142 16.15 -6.75 6.92
C SER A 142 15.86 -5.96 8.20
N SER A 143 16.88 -5.82 9.04
CA SER A 143 16.82 -4.89 10.14
C SER A 143 17.17 -3.48 9.68
N LYS A 144 16.94 -2.52 10.57
CA LYS A 144 17.45 -1.16 10.37
C LYS A 144 18.95 -1.17 10.10
N GLU A 145 19.69 -1.94 10.90
CA GLU A 145 21.13 -2.02 10.75
C GLU A 145 21.54 -2.57 9.38
N GLY A 146 20.90 -3.65 8.96
CA GLY A 146 21.22 -4.20 7.65
C GLY A 146 20.90 -3.23 6.52
N ALA A 147 19.78 -2.50 6.64
CA ALA A 147 19.40 -1.57 5.59
C ALA A 147 20.32 -0.36 5.57
N TRP A 148 20.78 0.08 6.75
CA TRP A 148 21.70 1.21 6.81
C TRP A 148 22.94 0.95 5.94
N VAL A 149 23.54 -0.23 6.07
CA VAL A 149 24.76 -0.48 5.31
C VAL A 149 24.44 -0.90 3.87
N ARG A 150 23.34 -1.61 3.65
CA ARG A 150 22.88 -1.93 2.30
C ARG A 150 22.71 -0.69 1.45
N ASP A 151 22.11 0.36 2.02
CA ASP A 151 21.80 1.55 1.26
C ASP A 151 22.95 2.57 1.27
N ARG A 152 24.07 2.23 1.92
CA ARG A 152 25.28 3.05 1.94
C ARG A 152 25.03 4.44 2.52
N LEU A 153 24.19 4.52 3.56
CA LEU A 153 24.15 5.75 4.35
C LEU A 153 25.51 6.03 4.94
N GLY A 154 26.21 4.98 5.36
CA GLY A 154 27.53 5.04 5.94
C GLY A 154 28.07 3.64 6.07
N PRO A 155 29.27 3.49 6.63
CA PRO A 155 29.90 2.15 6.70
C PRO A 155 29.36 1.25 7.79
N ALA A 156 28.75 1.83 8.83
CA ALA A 156 28.20 1.08 9.95
C ALA A 156 26.93 1.79 10.41
N PRO A 157 26.01 1.06 11.06
CA PRO A 157 24.75 1.68 11.49
C PRO A 157 25.00 2.89 12.39
N GLY A 158 24.24 3.94 12.15
CA GLY A 158 24.37 5.17 12.90
C GLY A 158 25.43 6.12 12.42
N GLN A 159 26.32 5.70 11.52
CA GLN A 159 27.38 6.53 10.98
C GLN A 159 27.09 6.91 9.53
N PHE A 160 27.27 8.19 9.22
CA PHE A 160 27.11 8.70 7.86
C PHE A 160 28.46 8.96 7.20
N PHE A 161 28.55 8.66 5.90
CA PHE A 161 29.63 9.21 5.11
C PHE A 161 29.59 10.73 5.19
N GLU A 162 30.76 11.36 5.24
CA GLU A 162 30.83 12.83 5.35
C GLU A 162 30.03 13.52 4.26
N ASN A 163 30.09 12.99 3.04
CA ASN A 163 29.48 13.64 1.88
C ASN A 163 28.00 13.26 1.69
N SER A 164 27.40 12.54 2.64
CA SER A 164 26.11 11.91 2.39
C SER A 164 25.04 12.89 1.96
N GLN A 165 24.24 12.48 0.97
CA GLN A 165 23.03 13.19 0.57
C GLN A 165 21.78 12.68 1.29
N PHE A 166 21.92 11.79 2.26
CA PHE A 166 20.76 11.30 2.97
C PHE A 166 20.11 12.44 3.77
N PRO A 167 18.77 12.50 3.83
CA PRO A 167 18.11 13.49 4.70
C PRO A 167 18.19 13.16 6.19
N ARG A 168 19.31 13.55 6.79
CA ARG A 168 19.57 13.27 8.19
C ARG A 168 18.46 13.82 9.08
N GLY A 169 18.23 13.15 10.18
CA GLY A 169 17.15 13.49 11.08
C GLY A 169 15.84 12.82 10.76
N TYR A 170 15.73 12.19 9.58
CA TYR A 170 14.50 11.53 9.16
C TYR A 170 14.73 10.03 9.00
N GLU A 171 15.68 9.50 9.76
CA GLU A 171 15.99 8.08 9.73
C GLU A 171 14.76 7.23 10.05
N ASP A 172 14.01 7.59 11.10
CA ASP A 172 12.85 6.76 11.44
C ASP A 172 11.86 6.71 10.29
N ASN A 173 11.53 7.87 9.74
CA ASN A 173 10.62 7.94 8.59
C ASN A 173 11.09 7.03 7.47
N TYR A 174 12.38 7.08 7.15
CA TYR A 174 12.95 6.28 6.08
C TYR A 174 12.82 4.78 6.35
N PHE A 175 13.29 4.31 7.50
CA PHE A 175 13.25 2.87 7.71
C PHE A 175 11.83 2.36 7.87
N LYS A 176 10.88 3.21 8.27
CA LYS A 176 9.49 2.76 8.42
C LYS A 176 8.85 2.37 7.10
N GLU A 177 9.44 2.80 5.97
CA GLU A 177 8.86 2.48 4.67
C GLU A 177 9.22 1.07 4.19
N MET A 178 10.04 0.33 4.93
CA MET A 178 10.61 -0.93 4.47
C MET A 178 9.97 -2.10 5.19
N GLY A 179 9.85 -3.23 4.48
CA GLY A 179 9.30 -4.43 5.09
C GLY A 179 9.61 -5.70 4.32
N PHE A 180 8.98 -6.78 4.77
CA PHE A 180 9.23 -8.11 4.22
C PHE A 180 8.51 -8.31 2.89
N SER A 181 8.95 -9.34 2.16
CA SER A 181 8.27 -9.82 0.96
C SER A 181 8.03 -11.31 1.10
N PRO A 182 6.80 -11.78 0.92
CA PRO A 182 6.56 -13.22 0.89
C PRO A 182 7.20 -13.84 -0.35
N SER A 183 7.30 -15.18 -0.34
CA SER A 183 8.06 -15.90 -1.36
C SER A 183 7.32 -16.08 -2.68
N ILE A 184 6.61 -15.06 -3.17
CA ILE A 184 6.01 -15.14 -4.49
C ILE A 184 7.11 -15.31 -5.53
N SER A 185 6.88 -16.22 -6.47
CA SER A 185 7.88 -16.45 -7.52
C SER A 185 8.13 -15.18 -8.33
N SER A 186 9.40 -14.97 -8.70
CA SER A 186 9.73 -13.84 -9.56
C SER A 186 8.98 -13.93 -10.89
N ASP A 187 8.74 -15.15 -11.39
CA ASP A 187 7.94 -15.31 -12.61
C ASP A 187 6.59 -14.61 -12.49
N GLU A 188 5.92 -14.78 -11.35
CA GLU A 188 4.59 -14.18 -11.21
C GLU A 188 4.67 -12.68 -11.03
N ILE A 189 5.76 -12.16 -10.47
CA ILE A 189 5.92 -10.71 -10.38
C ILE A 189 6.14 -10.13 -11.77
N VAL A 190 7.01 -10.78 -12.56
CA VAL A 190 7.24 -10.32 -13.93
C VAL A 190 5.95 -10.41 -14.74
N ASP A 191 5.16 -11.46 -14.53
CA ASP A 191 3.91 -11.62 -15.27
C ASP A 191 2.95 -10.45 -15.05
N ALA A 192 2.84 -9.98 -13.80
CA ALA A 192 1.93 -8.88 -13.53
C ALA A 192 2.39 -7.59 -14.23
N VAL A 193 3.69 -7.32 -14.26
CA VAL A 193 4.16 -6.10 -14.90
C VAL A 193 4.08 -6.22 -16.42
N VAL A 194 4.30 -7.42 -16.97
CA VAL A 194 4.09 -7.59 -18.42
C VAL A 194 2.65 -7.26 -18.77
N LYS A 195 1.70 -7.71 -17.94
CA LYS A 195 0.29 -7.42 -18.22
C LYS A 195 -0.01 -5.94 -18.11
N LEU A 196 0.63 -5.24 -17.16
CA LEU A 196 0.47 -3.80 -17.06
C LEU A 196 1.03 -3.10 -18.31
N VAL A 197 2.21 -3.53 -18.76
CA VAL A 197 2.82 -2.91 -19.94
C VAL A 197 1.96 -3.14 -21.17
N THR A 198 1.33 -4.33 -21.28
CA THR A 198 0.39 -4.58 -22.37
C THR A 198 -0.78 -3.60 -22.30
N HIS A 199 -1.26 -3.31 -21.09
CA HIS A 199 -2.39 -2.43 -20.92
C HIS A 199 -2.03 -0.98 -21.22
N ILE A 200 -0.84 -0.55 -20.81
CA ILE A 200 -0.45 0.85 -20.95
C ILE A 200 -0.11 1.21 -22.39
N GLY A 201 0.59 0.33 -23.08
CA GLY A 201 1.19 0.68 -24.36
C GLY A 201 2.65 1.02 -24.18
N PRO A 202 3.26 1.63 -25.19
CA PRO A 202 4.69 2.02 -25.09
C PRO A 202 4.98 2.86 -23.85
N CYS A 203 6.06 2.51 -23.16
CA CYS A 203 6.37 3.12 -21.87
C CYS A 203 7.85 2.93 -21.57
N VAL A 204 8.28 3.56 -20.48
CA VAL A 204 9.66 3.49 -19.99
C VAL A 204 9.60 2.94 -18.58
N LEU A 205 10.45 1.96 -18.28
CA LEU A 205 10.56 1.41 -16.93
C LEU A 205 11.67 2.13 -16.19
N VAL A 206 11.35 2.58 -14.97
CA VAL A 206 12.34 3.13 -14.06
C VAL A 206 12.37 2.23 -12.84
N THR A 207 13.46 1.50 -12.67
CA THR A 207 13.55 0.46 -11.64
C THR A 207 14.59 0.81 -10.58
N HIS A 208 14.69 -0.06 -9.59
CA HIS A 208 15.45 0.25 -8.38
C HIS A 208 15.85 -1.06 -7.72
N ALA A 209 17.14 -1.27 -7.53
CA ALA A 209 17.62 -2.34 -6.64
C ALA A 209 17.01 -3.67 -7.06
N ALA A 210 16.19 -4.31 -6.22
CA ALA A 210 15.66 -5.64 -6.54
C ALA A 210 14.80 -5.65 -7.80
N SER A 211 14.18 -4.53 -8.18
CA SER A 211 13.35 -4.58 -9.38
C SER A 211 14.17 -4.39 -10.65
N GLY A 212 15.47 -4.13 -10.53
CA GLY A 212 16.32 -3.99 -11.70
C GLY A 212 16.28 -5.22 -12.59
N VAL A 213 16.63 -6.39 -12.04
CA VAL A 213 16.62 -7.60 -12.86
C VAL A 213 15.21 -7.93 -13.35
N LEU A 214 14.19 -7.62 -12.55
CA LEU A 214 12.82 -7.90 -12.97
C LEU A 214 12.42 -7.03 -14.16
N GLY A 215 12.83 -5.76 -14.16
CA GLY A 215 12.51 -4.90 -15.29
C GLY A 215 13.21 -5.31 -16.57
N MET A 216 14.45 -5.81 -16.45
CA MET A 216 15.14 -6.34 -17.63
C MET A 216 14.37 -7.51 -18.20
N ARG A 217 13.93 -8.43 -17.34
CA ARG A 217 13.12 -9.56 -17.78
C ARG A 217 11.83 -9.09 -18.46
N VAL A 218 11.13 -8.13 -17.86
CA VAL A 218 9.89 -7.64 -18.47
C VAL A 218 10.17 -7.13 -19.90
N ALA A 219 11.25 -6.36 -20.07
CA ALA A 219 11.56 -5.84 -21.40
C ALA A 219 11.74 -6.95 -22.43
N THR A 220 12.30 -8.10 -22.02
CA THR A 220 12.50 -9.18 -22.98
C THR A 220 11.19 -9.85 -23.36
N HIS A 221 10.13 -9.68 -22.57
CA HIS A 221 8.82 -10.23 -22.89
C HIS A 221 7.86 -9.19 -23.46
N ALA A 222 8.23 -7.92 -23.48
CA ALA A 222 7.26 -6.84 -23.76
C ALA A 222 7.93 -5.77 -24.60
N LYS A 223 7.67 -5.80 -25.91
CA LYS A 223 8.21 -4.81 -26.83
C LYS A 223 7.73 -3.39 -26.53
N ASN A 224 6.65 -3.24 -25.75
CA ASN A 224 6.21 -1.89 -25.38
C ASN A 224 7.21 -1.18 -24.47
N VAL A 225 8.09 -1.92 -23.78
CA VAL A 225 9.11 -1.25 -22.98
C VAL A 225 10.11 -0.64 -23.95
N ARG A 226 10.16 0.69 -24.01
N ARG A 226 10.16 0.69 -24.01
CA ARG A 226 10.99 1.40 -24.98
CA ARG A 226 10.99 1.39 -24.97
C ARG A 226 12.28 1.94 -24.37
C ARG A 226 12.27 1.95 -24.37
N GLY A 227 12.51 1.73 -23.09
CA GLY A 227 13.70 2.22 -22.42
C GLY A 227 13.69 1.82 -20.97
N ILE A 228 14.86 1.69 -20.36
CA ILE A 228 14.99 1.33 -18.96
C ILE A 228 16.02 2.26 -18.31
N VAL A 229 15.68 2.81 -17.16
CA VAL A 229 16.65 3.45 -16.28
C VAL A 229 16.56 2.72 -14.95
N ALA A 230 17.67 2.13 -14.52
CA ALA A 230 17.69 1.29 -13.33
C ALA A 230 18.61 1.91 -12.31
N TYR A 231 18.06 2.29 -11.16
CA TYR A 231 18.85 2.83 -10.06
C TYR A 231 19.39 1.70 -9.19
N GLU A 232 20.72 1.61 -9.11
CA GLU A 232 21.41 0.66 -8.23
C GLU A 232 20.83 -0.75 -8.30
N PRO A 233 20.81 -1.36 -9.49
CA PRO A 233 20.22 -2.70 -9.62
C PRO A 233 20.98 -3.73 -8.81
N ALA A 234 20.24 -4.68 -8.22
CA ALA A 234 20.82 -5.61 -7.24
C ALA A 234 21.29 -6.93 -7.85
N THR A 235 20.70 -7.39 -8.96
CA THR A 235 21.05 -8.68 -9.56
C THR A 235 21.39 -8.47 -11.03
N SER A 236 22.52 -9.01 -11.47
CA SER A 236 22.95 -8.89 -12.86
C SER A 236 22.28 -9.96 -13.74
N ILE A 237 22.33 -9.75 -15.06
CA ILE A 237 21.67 -10.64 -16.02
C ILE A 237 22.60 -10.88 -17.20
N PHE A 238 22.65 -12.14 -17.66
CA PHE A 238 23.52 -12.59 -18.74
C PHE A 238 22.79 -13.61 -19.61
N PRO A 239 23.26 -13.83 -20.85
CA PRO A 239 22.78 -14.97 -21.64
C PRO A 239 23.14 -16.28 -20.97
N LYS A 240 22.26 -17.26 -21.12
CA LYS A 240 22.48 -18.56 -20.49
C LYS A 240 23.80 -19.16 -20.96
N GLY A 241 24.59 -19.64 -20.00
CA GLY A 241 25.88 -20.23 -20.31
C GLY A 241 26.99 -19.25 -20.60
N LYS A 242 26.73 -17.95 -20.55
CA LYS A 242 27.73 -16.94 -20.85
C LYS A 242 27.93 -15.98 -19.70
N VAL A 243 27.85 -16.47 -18.47
CA VAL A 243 28.16 -15.64 -17.31
C VAL A 243 29.68 -15.53 -17.21
N PRO A 244 30.23 -14.32 -17.18
CA PRO A 244 31.68 -14.17 -17.10
C PRO A 244 32.21 -14.46 -15.70
N GLU A 245 33.53 -14.50 -15.60
CA GLU A 245 34.19 -14.65 -14.32
C GLU A 245 33.89 -13.46 -13.43
N ILE A 246 33.33 -13.73 -12.26
CA ILE A 246 33.04 -12.70 -11.26
C ILE A 246 33.73 -13.13 -9.97
N PRO A 247 34.55 -12.29 -9.35
CA PRO A 247 35.31 -12.70 -8.18
C PRO A 247 34.43 -12.80 -6.95
N PRO A 248 34.86 -13.52 -5.93
CA PRO A 248 34.17 -13.46 -4.64
C PRO A 248 34.41 -12.13 -3.96
N LEU A 249 33.78 -11.89 -2.82
CA LEU A 249 34.03 -10.67 -2.10
C LEU A 249 35.37 -10.73 -1.38
N ALA A 250 35.74 -9.60 -0.75
CA ALA A 250 37.05 -9.48 -0.12
C ALA A 250 37.22 -10.46 1.02
N ASP A 251 36.12 -10.90 1.65
CA ASP A 251 36.25 -11.87 2.73
C ASP A 251 36.62 -13.24 2.21
N LYS A 252 36.67 -13.42 0.89
CA LYS A 252 37.08 -14.64 0.20
C LYS A 252 36.15 -15.80 0.50
N LYS A 253 34.93 -15.54 0.96
CA LYS A 253 33.94 -16.58 1.22
C LYS A 253 32.60 -16.23 0.60
N SER A 254 32.27 -14.94 0.56
CA SER A 254 30.95 -14.52 0.08
C SER A 254 30.97 -14.26 -1.41
N GLN A 255 29.79 -14.35 -2.01
CA GLN A 255 29.58 -14.07 -3.42
C GLN A 255 28.45 -13.06 -3.57
N ILE A 256 28.37 -12.42 -4.72
CA ILE A 256 27.22 -11.56 -4.97
C ILE A 256 26.02 -12.44 -5.32
N PHE A 257 24.90 -11.84 -5.68
CA PHE A 257 23.72 -12.63 -6.04
C PHE A 257 24.00 -13.40 -7.32
N PRO A 258 23.66 -14.68 -7.40
CA PRO A 258 23.85 -15.43 -8.64
C PRO A 258 23.19 -14.73 -9.81
N PRO A 259 23.94 -14.43 -10.87
CA PRO A 259 23.35 -13.70 -12.00
C PRO A 259 22.20 -14.48 -12.62
N PHE A 260 21.18 -13.76 -13.06
CA PHE A 260 20.07 -14.37 -13.77
C PHE A 260 20.47 -14.69 -15.20
N GLU A 261 20.12 -15.87 -15.67
CA GLU A 261 20.48 -16.31 -17.02
C GLU A 261 19.22 -16.49 -17.85
N ILE A 262 19.21 -15.91 -19.04
CA ILE A 262 18.08 -16.06 -19.95
C ILE A 262 18.58 -16.51 -21.32
N GLN A 263 17.67 -17.18 -22.05
CA GLN A 263 17.92 -17.59 -23.42
C GLN A 263 18.43 -16.41 -24.26
N GLU A 264 19.44 -16.65 -25.09
CA GLU A 264 20.06 -15.54 -25.81
C GLU A 264 19.07 -14.84 -26.73
N SER A 265 18.09 -15.56 -27.27
CA SER A 265 17.10 -14.90 -28.12
C SER A 265 16.26 -13.89 -27.33
N TYR A 266 16.09 -14.09 -26.03
CA TYR A 266 15.43 -13.08 -25.22
C TYR A 266 16.39 -11.98 -24.81
N PHE A 267 17.62 -12.35 -24.42
CA PHE A 267 18.61 -11.35 -24.04
C PHE A 267 18.81 -10.34 -25.16
N LYS A 268 18.80 -10.80 -26.42
CA LYS A 268 19.04 -9.92 -27.55
C LYS A 268 18.03 -8.79 -27.63
N LYS A 269 16.81 -8.97 -27.10
CA LYS A 269 15.84 -7.89 -27.13
C LYS A 269 16.31 -6.69 -26.31
N LEU A 270 17.18 -6.89 -25.31
CA LEU A 270 17.73 -5.78 -24.54
C LEU A 270 18.60 -4.87 -25.39
N ALA A 271 19.09 -5.35 -26.54
CA ALA A 271 19.93 -4.51 -27.37
C ALA A 271 19.14 -3.55 -28.23
N LYS A 272 17.80 -3.64 -28.22
CA LYS A 272 16.96 -2.86 -29.10
C LYS A 272 16.44 -1.57 -28.47
N ILE A 273 16.71 -1.34 -27.18
CA ILE A 273 16.22 -0.14 -26.48
C ILE A 273 17.35 0.46 -25.67
N PRO A 274 17.28 1.76 -25.39
CA PRO A 274 18.30 2.39 -24.55
C PRO A 274 18.14 2.00 -23.09
N ILE A 275 19.25 1.65 -22.47
CA ILE A 275 19.29 1.18 -21.08
C ILE A 275 20.37 1.93 -20.34
N GLN A 276 20.04 2.46 -19.17
CA GLN A 276 21.00 3.15 -18.33
C GLN A 276 20.91 2.63 -16.92
N PHE A 277 22.05 2.22 -16.35
CA PHE A 277 22.18 1.88 -14.94
C PHE A 277 22.80 3.07 -14.21
N VAL A 278 22.23 3.45 -13.08
CA VAL A 278 22.68 4.63 -12.34
C VAL A 278 23.15 4.19 -10.96
N PHE A 279 24.38 4.57 -10.60
CA PHE A 279 24.91 4.26 -9.28
C PHE A 279 25.28 5.54 -8.54
N GLY A 280 25.06 5.53 -7.22
CA GLY A 280 25.44 6.63 -6.36
C GLY A 280 26.91 6.56 -5.96
N ASP A 281 27.20 7.09 -4.78
CA ASP A 281 28.57 7.31 -4.34
C ASP A 281 28.96 6.31 -3.27
N ASN A 282 30.23 6.37 -2.89
CA ASN A 282 30.84 5.63 -1.79
C ASN A 282 30.87 4.11 -2.03
N ILE A 283 30.85 3.68 -3.29
CA ILE A 283 31.16 2.30 -3.65
C ILE A 283 32.67 2.20 -3.77
N PRO A 284 33.34 1.35 -2.99
CA PRO A 284 34.80 1.33 -3.03
C PRO A 284 35.34 0.81 -4.35
N LYS A 285 36.51 1.34 -4.73
CA LYS A 285 37.22 0.83 -5.90
C LYS A 285 38.02 -0.42 -5.59
N ASN A 286 38.50 -0.56 -4.36
CA ASN A 286 39.36 -1.63 -3.93
C ASN A 286 38.66 -2.54 -2.92
N PRO A 287 39.10 -3.78 -2.77
CA PRO A 287 38.47 -4.69 -1.82
C PRO A 287 38.40 -4.10 -0.43
N LYS A 288 37.24 -4.25 0.22
CA LYS A 288 36.98 -3.69 1.55
C LYS A 288 36.42 -4.78 2.45
N SER A 289 37.33 -5.55 3.07
CA SER A 289 36.88 -6.71 3.85
C SER A 289 36.21 -6.32 5.16
N ALA A 290 36.41 -5.09 5.64
CA ALA A 290 35.81 -4.69 6.91
C ALA A 290 34.33 -4.32 6.78
N TYR A 291 33.85 -4.07 5.57
CA TYR A 291 32.50 -3.55 5.35
C TYR A 291 31.83 -4.37 4.25
N TRP A 292 31.09 -5.40 4.66
CA TRP A 292 30.61 -6.40 3.72
C TRP A 292 29.77 -5.79 2.61
N PHE A 293 28.83 -4.91 2.96
CA PHE A 293 27.93 -4.45 1.92
C PHE A 293 28.60 -3.44 0.99
N LEU A 294 29.59 -2.69 1.48
CA LEU A 294 30.36 -1.85 0.57
C LEU A 294 31.09 -2.70 -0.45
N ASP A 295 31.76 -3.75 0.02
CA ASP A 295 32.43 -4.67 -0.90
C ASP A 295 31.45 -5.37 -1.83
N TRP A 296 30.29 -5.76 -1.31
CA TRP A 296 29.25 -6.36 -2.14
C TRP A 296 28.85 -5.44 -3.29
N TRP A 297 28.67 -4.14 -3.01
CA TRP A 297 28.34 -3.21 -4.09
C TRP A 297 29.49 -3.06 -5.08
N ARG A 298 30.73 -3.13 -4.62
CA ARG A 298 31.87 -3.07 -5.54
C ARG A 298 31.78 -4.18 -6.58
N VAL A 299 31.56 -5.43 -6.14
CA VAL A 299 31.57 -6.54 -7.08
C VAL A 299 30.27 -6.59 -7.88
N THR A 300 29.15 -6.20 -7.28
CA THR A 300 27.89 -6.17 -8.02
C THR A 300 27.93 -5.14 -9.14
N ARG A 301 28.45 -3.95 -8.87
CA ARG A 301 28.61 -2.94 -9.91
C ARG A 301 29.51 -3.46 -11.03
N TYR A 302 30.56 -4.18 -10.66
CA TYR A 302 31.45 -4.75 -11.67
C TYR A 302 30.70 -5.74 -12.55
N ALA A 303 29.93 -6.65 -11.95
CA ALA A 303 29.13 -7.60 -12.73
C ALA A 303 28.19 -6.88 -13.68
N HIS A 304 27.54 -5.80 -13.22
CA HIS A 304 26.65 -5.05 -14.10
C HIS A 304 27.40 -4.44 -15.27
N SER A 305 28.61 -3.94 -15.04
CA SER A 305 29.41 -3.39 -16.14
C SER A 305 29.63 -4.44 -17.23
N LEU A 306 29.82 -5.70 -16.82
CA LEU A 306 30.01 -6.77 -17.79
C LEU A 306 28.70 -7.11 -18.49
N SER A 307 27.58 -7.03 -17.77
CA SER A 307 26.27 -7.27 -18.36
C SER A 307 25.95 -6.23 -19.44
N LEU A 308 26.18 -4.96 -19.11
CA LEU A 308 25.98 -3.89 -20.08
C LEU A 308 26.90 -4.08 -21.29
N GLU A 309 28.14 -4.52 -21.07
CA GLU A 309 29.05 -4.75 -22.19
C GLU A 309 28.54 -5.86 -23.10
N ALA A 310 27.95 -6.90 -22.51
CA ALA A 310 27.38 -7.99 -23.31
C ALA A 310 26.23 -7.49 -24.19
N ILE A 311 25.40 -6.61 -23.66
CA ILE A 311 24.32 -6.03 -24.45
C ILE A 311 24.88 -5.21 -25.61
N ASN A 312 25.95 -4.44 -25.34
CA ASN A 312 26.48 -3.59 -26.40
C ASN A 312 27.15 -4.41 -27.48
N LYS A 313 27.67 -5.59 -27.13
CA LYS A 313 28.26 -6.46 -28.16
C LYS A 313 27.20 -7.13 -29.01
N LEU A 314 25.92 -7.02 -28.64
CA LEU A 314 24.82 -7.44 -29.48
C LEU A 314 24.19 -6.27 -30.22
N GLY A 315 24.91 -5.14 -30.30
CA GLY A 315 24.40 -3.98 -30.99
C GLY A 315 23.59 -3.02 -30.14
N GLY A 316 23.67 -3.14 -28.83
CA GLY A 316 22.82 -2.36 -27.94
C GLY A 316 23.37 -0.98 -27.64
N GLN A 317 22.69 -0.29 -26.70
CA GLN A 317 23.03 1.05 -26.28
C GLN A 317 22.79 1.10 -24.77
N ALA A 318 23.64 0.40 -24.03
CA ALA A 318 23.53 0.22 -22.59
C ALA A 318 24.67 0.96 -21.90
N SER A 319 24.34 1.79 -20.92
CA SER A 319 25.37 2.62 -20.32
C SER A 319 25.28 2.54 -18.80
N LEU A 320 26.40 2.87 -18.16
CA LEU A 320 26.52 2.96 -16.71
C LEU A 320 26.81 4.41 -16.35
N LEU A 321 25.94 5.01 -15.55
CA LEU A 321 26.15 6.37 -15.08
C LEU A 321 26.51 6.35 -13.60
N ASP A 322 27.74 6.72 -13.28
CA ASP A 322 28.13 6.95 -11.90
C ASP A 322 27.85 8.42 -11.57
N LEU A 323 26.96 8.67 -10.61
CA LEU A 323 26.57 10.04 -10.34
C LEU A 323 27.75 10.94 -9.99
N PRO A 324 28.79 10.50 -9.27
CA PRO A 324 29.93 11.40 -9.03
C PRO A 324 30.58 11.90 -10.31
N THR A 325 30.56 11.11 -11.40
CA THR A 325 31.13 11.60 -12.66
C THR A 325 30.30 12.74 -13.24
N ALA A 326 29.01 12.81 -12.90
CA ALA A 326 28.14 13.91 -13.32
C ALA A 326 28.18 15.09 -12.36
N GLY A 327 29.06 15.06 -11.35
CA GLY A 327 29.18 16.15 -10.41
C GLY A 327 28.33 16.02 -9.17
N LEU A 328 27.67 14.88 -8.96
CA LEU A 328 26.80 14.67 -7.81
C LEU A 328 27.50 13.74 -6.84
N ARG A 329 27.76 14.22 -5.64
CA ARG A 329 28.54 13.47 -4.66
C ARG A 329 27.70 13.11 -3.45
N GLY A 330 27.96 11.91 -2.92
CA GLY A 330 27.35 11.50 -1.67
C GLY A 330 26.03 10.75 -1.78
N ASN A 331 25.56 10.40 -2.97
CA ASN A 331 24.25 9.75 -3.06
C ASN A 331 24.29 8.37 -2.45
N THR A 332 23.18 8.02 -1.79
CA THR A 332 22.92 6.68 -1.29
C THR A 332 22.37 5.81 -2.42
N ALA A 333 21.91 4.62 -2.05
CA ALA A 333 21.26 3.66 -2.92
C ALA A 333 19.83 4.08 -3.29
N PHE A 334 19.34 5.20 -2.74
CA PHE A 334 18.05 5.79 -3.11
C PHE A 334 18.30 7.20 -3.65
N PRO A 335 18.97 7.37 -4.79
CA PRO A 335 19.30 8.73 -5.21
C PRO A 335 18.07 9.59 -5.43
N PHE A 336 16.94 8.97 -5.80
CA PHE A 336 15.71 9.67 -6.07
C PHE A 336 14.97 10.12 -4.81
N THR A 337 15.45 9.78 -3.60
CA THR A 337 14.90 10.42 -2.40
C THR A 337 15.96 11.19 -1.59
N ASP A 338 17.20 11.24 -2.07
CA ASP A 338 18.27 11.99 -1.43
C ASP A 338 18.02 13.49 -1.51
N ARG A 339 18.83 14.27 -0.80
CA ARG A 339 18.66 15.74 -0.78
C ARG A 339 18.82 16.38 -2.14
N ASN A 340 19.58 15.75 -3.03
CA ASN A 340 19.79 16.29 -4.36
C ASN A 340 18.94 15.60 -5.42
N ASN A 341 17.78 15.09 -5.03
CA ASN A 341 16.96 14.34 -5.98
C ASN A 341 16.46 15.12 -7.19
N VAL A 342 16.41 16.44 -7.10
CA VAL A 342 16.01 17.25 -8.24
C VAL A 342 17.10 17.18 -9.31
N GLN A 343 18.36 17.16 -8.89
CA GLN A 343 19.48 17.06 -9.82
C GLN A 343 19.51 15.66 -10.42
N VAL A 344 19.18 14.66 -9.63
CA VAL A 344 19.12 13.29 -10.12
C VAL A 344 18.00 13.22 -11.16
N ALA A 345 16.87 13.86 -10.89
CA ALA A 345 15.75 13.88 -11.82
C ALA A 345 16.12 14.56 -13.12
N SER A 346 16.95 15.59 -13.04
CA SER A 346 17.37 16.30 -14.24
C SER A 346 18.15 15.38 -15.14
N LEU A 347 18.98 14.51 -14.56
CA LEU A 347 19.71 13.55 -15.36
C LEU A 347 18.77 12.52 -16.00
N LEU A 348 17.71 12.14 -15.30
CA LEU A 348 16.73 11.25 -15.92
C LEU A 348 16.01 11.96 -17.07
N SER A 349 15.65 13.23 -16.88
CA SER A 349 15.06 13.99 -17.97
C SER A 349 16.00 14.07 -19.16
N ASP A 350 17.31 14.21 -18.90
CA ASP A 350 18.30 14.27 -19.99
C ASP A 350 18.30 12.97 -20.79
N PHE A 351 18.25 11.84 -20.09
CA PHE A 351 18.21 10.54 -20.76
C PHE A 351 16.96 10.41 -21.61
N LEU A 352 15.81 10.77 -21.03
CA LEU A 352 14.56 10.68 -21.78
C LEU A 352 14.60 11.59 -23.01
N GLY A 353 15.21 12.78 -22.88
CA GLY A 353 15.25 13.71 -24.00
C GLY A 353 16.19 13.24 -25.11
N LYS A 354 17.37 12.76 -24.73
CA LYS A 354 18.33 12.24 -25.71
C LYS A 354 17.70 11.18 -26.59
N HIS A 355 16.88 10.31 -26.02
CA HIS A 355 16.34 9.19 -26.77
C HIS A 355 14.93 9.42 -27.29
N GLY A 356 14.46 10.67 -27.27
CA GLY A 356 13.19 10.99 -27.87
C GLY A 356 12.00 10.42 -27.13
N LEU A 357 12.18 10.05 -25.87
CA LEU A 357 11.12 9.50 -25.06
C LEU A 357 10.27 10.58 -24.39
N ASP A 358 10.59 11.85 -24.62
CA ASP A 358 9.80 12.96 -24.11
C ASP A 358 9.11 13.72 -25.24
N GLN A 359 8.96 13.10 -26.39
CA GLN A 359 8.29 13.69 -27.55
C GLN A 359 7.17 12.77 -28.01
N ASN A 360 6.10 13.36 -28.51
CA ASN A 360 4.93 12.60 -28.91
C ASN A 360 5.13 11.91 -30.27
N LYS B 12 -14.76 16.13 -14.85
CA LYS B 12 -14.98 15.37 -13.63
C LYS B 12 -13.71 14.69 -13.15
N ARG B 13 -12.71 14.58 -14.03
CA ARG B 13 -11.48 13.89 -13.67
C ARG B 13 -10.37 14.84 -13.27
N LYS B 14 -10.43 16.07 -13.76
CA LYS B 14 -9.36 17.02 -13.49
C LYS B 14 -9.23 17.37 -12.02
N VAL B 15 -8.01 17.32 -11.50
CA VAL B 15 -7.77 17.67 -10.11
C VAL B 15 -6.56 18.61 -10.01
N VAL B 16 -6.69 19.68 -9.22
CA VAL B 16 -5.59 20.63 -9.07
C VAL B 16 -5.08 20.57 -7.63
N LEU B 17 -3.81 20.23 -7.47
CA LEU B 17 -3.25 20.06 -6.13
C LEU B 17 -2.22 21.15 -5.85
N ALA B 18 -2.43 21.89 -4.76
CA ALA B 18 -1.38 22.77 -4.26
C ALA B 18 -0.15 21.97 -3.81
N GLU B 19 -0.37 20.77 -3.27
CA GLU B 19 0.72 19.89 -2.88
C GLU B 19 0.14 18.50 -2.62
N GLN B 20 1.00 17.49 -2.70
CA GLN B 20 0.63 16.13 -2.39
C GLN B 20 1.86 15.43 -1.86
N GLY B 21 1.65 14.32 -1.17
CA GLY B 21 2.78 13.56 -0.67
C GLY B 21 2.31 12.43 0.24
N SER B 22 3.28 11.77 0.85
CA SER B 22 2.92 10.75 1.83
C SER B 22 4.04 10.64 2.85
N PHE B 23 3.72 9.98 3.97
CA PHE B 23 4.68 9.88 5.06
C PHE B 23 4.24 8.75 5.97
N TYR B 24 5.16 8.33 6.86
CA TYR B 24 4.89 7.31 7.85
C TYR B 24 4.76 7.95 9.22
N ILE B 25 3.87 7.42 10.06
CA ILE B 25 3.66 7.97 11.40
C ILE B 25 3.27 6.84 12.34
N GLY B 26 3.65 7.00 13.61
CA GLY B 26 3.30 6.01 14.62
C GLY B 26 4.21 4.79 14.58
N GLY B 27 3.86 3.82 15.41
CA GLY B 27 4.66 2.61 15.49
C GLY B 27 5.65 2.66 16.64
N ARG B 28 6.33 1.53 16.81
CA ARG B 28 7.37 1.39 17.83
C ARG B 28 8.51 0.56 17.25
N THR B 29 9.50 0.25 18.08
CA THR B 29 10.60 -0.60 17.64
C THR B 29 10.74 -1.80 18.57
N VAL B 30 11.21 -2.92 18.00
CA VAL B 30 11.52 -4.13 18.76
C VAL B 30 12.91 -4.59 18.30
N THR B 31 13.56 -5.46 19.10
CA THR B 31 14.93 -5.82 18.79
C THR B 31 15.20 -7.31 18.96
N GLY B 32 16.14 -7.82 18.16
CA GLY B 32 16.70 -9.15 18.34
C GLY B 32 17.89 -9.11 19.28
N PRO B 33 18.47 -10.28 19.55
CA PRO B 33 19.60 -10.36 20.47
C PRO B 33 20.93 -10.01 19.80
N GLY B 34 21.91 -9.72 20.63
CA GLY B 34 23.27 -9.62 20.12
C GLY B 34 23.62 -8.27 19.51
N LYS B 35 24.69 -8.29 18.72
CA LYS B 35 25.30 -7.09 18.13
C LYS B 35 25.42 -7.28 16.63
N PHE B 36 25.33 -6.17 15.91
CA PHE B 36 25.46 -6.18 14.45
C PHE B 36 26.92 -5.91 14.07
N ASP B 37 27.50 -6.81 13.27
CA ASP B 37 28.87 -6.68 12.78
C ASP B 37 28.87 -6.42 11.29
N PRO B 38 29.25 -5.21 10.85
CA PRO B 38 29.18 -4.88 9.41
C PRO B 38 30.17 -5.65 8.55
N SER B 39 31.11 -6.38 9.13
CA SER B 39 32.04 -7.16 8.33
C SER B 39 31.51 -8.54 7.99
N LYS B 40 30.47 -9.00 8.66
CA LYS B 40 29.89 -10.30 8.41
C LYS B 40 28.83 -10.22 7.33
N PRO B 41 28.55 -11.32 6.64
CA PRO B 41 27.57 -11.27 5.54
C PRO B 41 26.23 -10.76 6.06
N VAL B 42 25.69 -9.74 5.38
CA VAL B 42 24.43 -9.13 5.82
C VAL B 42 23.23 -9.88 5.28
N ILE B 43 23.42 -10.61 4.18
CA ILE B 43 22.37 -11.40 3.57
C ILE B 43 22.85 -12.85 3.54
N PRO B 44 22.03 -13.83 3.93
CA PRO B 44 20.64 -13.75 4.40
C PRO B 44 20.42 -12.91 5.66
N TYR B 45 19.33 -12.17 5.68
CA TYR B 45 19.10 -11.24 6.77
C TYR B 45 18.95 -11.99 8.10
N SER B 46 19.41 -11.33 9.16
CA SER B 46 19.47 -11.90 10.50
C SER B 46 18.73 -11.02 11.50
N ASN B 47 18.17 -11.66 12.55
CA ASN B 47 17.70 -10.92 13.72
C ASN B 47 18.84 -10.46 14.64
N GLU B 48 20.07 -10.91 14.40
CA GLU B 48 21.17 -10.60 15.31
C GLU B 48 21.50 -9.12 15.26
N GLY B 49 21.50 -8.47 16.42
CA GLY B 49 21.76 -7.04 16.49
C GLY B 49 20.72 -6.17 15.81
N ALA B 50 19.50 -6.67 15.63
CA ALA B 50 18.51 -6.04 14.78
C ALA B 50 17.62 -5.07 15.55
N THR B 51 17.31 -3.93 14.90
CA THR B 51 16.22 -3.05 15.29
C THR B 51 15.18 -3.09 14.18
N PHE B 52 13.93 -3.34 14.54
CA PHE B 52 12.82 -3.40 13.57
C PHE B 52 11.79 -2.34 13.93
N TYR B 53 11.38 -1.54 12.95
CA TYR B 53 10.24 -0.65 13.11
C TYR B 53 8.95 -1.41 12.81
N ILE B 54 8.01 -1.40 13.76
CA ILE B 54 6.78 -2.16 13.58
C ILE B 54 5.55 -1.30 13.90
N ASN B 55 4.44 -1.65 13.22
CA ASN B 55 3.10 -1.13 13.48
C ASN B 55 2.93 0.35 13.11
N GLN B 56 3.81 0.84 12.24
CA GLN B 56 3.67 2.19 11.70
C GLN B 56 2.58 2.22 10.63
N MET B 57 2.08 3.43 10.37
CA MET B 57 0.98 3.68 9.45
C MET B 57 1.46 4.51 8.27
N TYR B 58 0.93 4.20 7.08
CA TYR B 58 1.18 5.01 5.88
C TYR B 58 0.08 6.06 5.73
N VAL B 59 0.46 7.29 5.38
CA VAL B 59 -0.50 8.38 5.20
C VAL B 59 -0.24 9.09 3.89
N ASN B 60 -1.28 9.30 3.08
CA ASN B 60 -1.20 10.06 1.83
C ASN B 60 -2.02 11.34 1.98
N PHE B 61 -1.55 12.46 1.46
CA PHE B 61 -2.35 13.68 1.50
C PHE B 61 -2.36 14.35 0.14
N GLN B 62 -3.50 14.97 -0.18
CA GLN B 62 -3.65 15.81 -1.36
C GLN B 62 -4.38 17.07 -0.92
N ALA B 63 -3.79 18.23 -1.18
CA ALA B 63 -4.37 19.48 -0.74
C ALA B 63 -4.75 20.33 -1.95
N PRO B 64 -5.97 20.84 -2.00
CA PRO B 64 -6.37 21.72 -3.10
C PRO B 64 -5.77 23.11 -2.90
N VAL B 65 -5.86 23.92 -3.95
CA VAL B 65 -5.54 25.34 -3.83
C VAL B 65 -6.65 26.02 -3.01
N ARG B 66 -6.25 26.77 -2.00
CA ARG B 66 -7.19 27.48 -1.12
C ARG B 66 -8.24 26.53 -0.57
N PRO B 67 -7.85 25.65 0.34
CA PRO B 67 -8.82 24.75 1.00
C PRO B 67 -9.84 25.54 1.81
N ARG B 68 -11.02 24.95 1.95
CA ARG B 68 -12.13 25.53 2.70
C ARG B 68 -12.63 24.50 3.69
N GLY B 69 -12.57 24.82 4.97
CA GLY B 69 -13.02 23.88 5.99
C GLY B 69 -11.94 22.91 6.41
N LEU B 70 -12.37 21.86 7.13
CA LEU B 70 -11.43 20.98 7.80
C LEU B 70 -10.94 19.89 6.86
N PRO B 71 -9.71 19.42 7.04
CA PRO B 71 -9.24 18.26 6.31
C PRO B 71 -10.06 17.03 6.68
N LEU B 72 -10.22 16.14 5.70
CA LEU B 72 -10.91 14.87 5.87
C LEU B 72 -9.90 13.74 5.92
N VAL B 73 -10.12 12.80 6.84
CA VAL B 73 -9.26 11.63 6.98
C VAL B 73 -10.11 10.42 6.63
N PHE B 74 -9.84 9.80 5.48
CA PHE B 74 -10.60 8.65 5.01
C PHE B 74 -9.92 7.38 5.49
N TRP B 75 -10.68 6.53 6.20
CA TRP B 75 -10.15 5.36 6.88
C TRP B 75 -10.85 4.11 6.35
N HIS B 76 -10.14 3.32 5.54
CA HIS B 76 -10.66 2.10 4.92
C HIS B 76 -11.18 1.11 5.95
N GLY B 77 -12.10 0.26 5.48
CA GLY B 77 -12.63 -0.83 6.27
C GLY B 77 -11.71 -2.03 6.33
N GLY B 78 -12.25 -3.12 6.87
CA GLY B 78 -11.43 -4.28 7.17
C GLY B 78 -10.82 -4.94 5.96
N GLY B 79 -9.52 -5.23 6.05
CA GLY B 79 -8.85 -5.89 4.93
C GLY B 79 -8.69 -5.04 3.69
N LEU B 80 -8.81 -3.72 3.82
CA LEU B 80 -8.76 -2.82 2.66
C LEU B 80 -7.58 -1.87 2.79
N THR B 81 -7.48 -0.94 1.84
CA THR B 81 -6.44 0.09 1.84
C THR B 81 -7.04 1.39 1.34
N GLY B 82 -6.21 2.44 1.31
CA GLY B 82 -6.65 3.71 0.77
C GLY B 82 -7.09 3.66 -0.70
N HIS B 83 -6.82 2.57 -1.41
CA HIS B 83 -7.27 2.46 -2.80
C HIS B 83 -8.75 2.75 -2.92
N ILE B 84 -9.55 2.31 -1.94
CA ILE B 84 -11.00 2.37 -2.08
C ILE B 84 -11.50 3.81 -2.08
N TRP B 85 -10.68 4.77 -1.62
CA TRP B 85 -11.00 6.19 -1.70
C TRP B 85 -10.40 6.84 -2.94
N GLU B 86 -9.51 6.14 -3.65
CA GLU B 86 -8.87 6.72 -4.84
C GLU B 86 -9.72 6.53 -6.09
N SER B 87 -10.21 5.31 -6.30
CA SER B 87 -10.94 4.95 -7.51
C SER B 87 -11.96 3.88 -7.16
N THR B 88 -13.02 3.79 -7.96
CA THR B 88 -13.95 2.68 -7.87
C THR B 88 -13.39 1.48 -8.63
N PRO B 89 -13.98 0.28 -8.47
CA PRO B 89 -13.42 -0.88 -9.20
C PRO B 89 -13.46 -0.71 -10.71
N ASP B 90 -14.43 0.05 -11.23
CA ASP B 90 -14.51 0.31 -12.66
C ASP B 90 -13.82 1.61 -13.07
N GLY B 91 -12.99 2.17 -12.20
CA GLY B 91 -12.12 3.26 -12.60
C GLY B 91 -12.71 4.66 -12.54
N ARG B 92 -13.89 4.83 -11.96
CA ARG B 92 -14.42 6.17 -11.74
C ARG B 92 -13.74 6.82 -10.55
N PRO B 93 -13.79 8.14 -10.45
CA PRO B 93 -13.13 8.84 -9.33
C PRO B 93 -13.68 8.41 -7.99
N GLY B 94 -12.77 8.23 -7.03
CA GLY B 94 -13.14 7.97 -5.66
C GLY B 94 -13.34 9.26 -4.87
N PHE B 95 -13.66 9.08 -3.59
CA PHE B 95 -13.92 10.23 -2.71
C PHE B 95 -12.70 11.14 -2.52
N GLN B 96 -11.48 10.60 -2.67
CA GLN B 96 -10.30 11.47 -2.60
C GLN B 96 -10.37 12.57 -3.65
N THR B 97 -10.59 12.19 -4.90
CA THR B 97 -10.71 13.20 -5.96
C THR B 97 -11.93 14.08 -5.75
N LEU B 98 -13.07 13.48 -5.41
CA LEU B 98 -14.29 14.27 -5.30
C LEU B 98 -14.18 15.33 -4.22
N PHE B 99 -13.50 15.04 -3.12
CA PHE B 99 -13.46 16.02 -2.04
C PHE B 99 -12.28 16.98 -2.13
N VAL B 100 -11.21 16.64 -2.87
CA VAL B 100 -10.27 17.67 -3.27
C VAL B 100 -10.94 18.67 -4.19
N GLN B 101 -11.78 18.19 -5.11
CA GLN B 101 -12.55 19.09 -5.97
C GLN B 101 -13.56 19.90 -5.16
N ASP B 102 -14.03 19.36 -4.03
CA ASP B 102 -14.90 20.06 -3.09
C ASP B 102 -14.11 20.90 -2.08
N ARG B 103 -12.82 21.14 -2.36
CA ARG B 103 -12.00 22.13 -1.67
C ARG B 103 -11.60 21.71 -0.25
N HIS B 104 -11.55 20.41 0.04
CA HIS B 104 -10.99 19.90 1.29
C HIS B 104 -9.63 19.28 1.02
N THR B 105 -8.69 19.52 1.91
CA THR B 105 -7.50 18.67 1.98
C THR B 105 -7.94 17.27 2.37
N VAL B 106 -7.38 16.25 1.70
CA VAL B 106 -7.81 14.87 1.92
C VAL B 106 -6.60 14.02 2.32
N TYR B 107 -6.70 13.37 3.48
CA TYR B 107 -5.76 12.36 3.91
C TYR B 107 -6.38 10.99 3.70
N THR B 108 -5.61 10.06 3.15
CA THR B 108 -6.02 8.67 3.05
C THR B 108 -4.95 7.82 3.71
N ILE B 109 -5.35 6.85 4.52
CA ILE B 109 -4.36 6.09 5.27
C ILE B 109 -4.41 4.62 4.86
N ASP B 110 -3.28 3.94 5.04
CA ASP B 110 -3.23 2.48 5.11
C ASP B 110 -2.86 2.18 6.56
N GLN B 111 -3.82 1.67 7.34
CA GLN B 111 -3.57 1.50 8.77
C GLN B 111 -2.48 0.46 9.02
N PRO B 112 -1.88 0.44 10.22
CA PRO B 112 -0.90 -0.60 10.53
C PRO B 112 -1.47 -1.98 10.24
N GLY B 113 -0.69 -2.81 9.54
CA GLY B 113 -1.12 -4.14 9.19
C GLY B 113 -1.76 -4.27 7.83
N ARG B 114 -1.97 -3.16 7.12
CA ARG B 114 -2.69 -3.16 5.85
C ARG B 114 -1.96 -2.33 4.80
N GLY B 115 -1.86 -2.87 3.58
CA GLY B 115 -1.31 -2.12 2.46
C GLY B 115 0.09 -1.60 2.74
N ARG B 116 0.31 -0.30 2.62
CA ARG B 116 1.62 0.29 2.86
C ARG B 116 1.94 0.47 4.34
N GLY B 117 0.97 0.21 5.22
CA GLY B 117 1.27 0.12 6.64
C GLY B 117 2.16 -1.08 6.92
N ASN B 118 2.74 -1.11 8.13
CA ASN B 118 3.68 -2.18 8.42
C ASN B 118 2.97 -3.50 8.68
N ILE B 119 3.52 -4.59 8.12
CA ILE B 119 3.17 -5.94 8.52
C ILE B 119 4.33 -6.46 9.38
N PRO B 120 4.13 -6.65 10.69
CA PRO B 120 5.28 -6.94 11.58
C PRO B 120 5.78 -8.37 11.51
N THR B 121 6.80 -8.64 10.70
CA THR B 121 7.38 -9.97 10.64
C THR B 121 8.87 -9.84 10.41
N PHE B 122 9.60 -10.93 10.64
CA PHE B 122 11.03 -10.84 10.87
C PHE B 122 11.74 -11.98 10.15
N ASN B 123 12.81 -12.52 10.73
CA ASN B 123 13.46 -13.69 10.17
C ASN B 123 13.06 -14.89 11.02
N GLY B 124 12.14 -15.70 10.48
CA GLY B 124 11.52 -16.76 11.24
C GLY B 124 10.05 -16.92 10.85
N PRO B 125 9.35 -17.80 11.56
CA PRO B 125 7.92 -17.99 11.28
C PRO B 125 7.18 -16.66 11.35
N PHE B 126 6.18 -16.50 10.49
CA PHE B 126 5.47 -15.24 10.35
C PHE B 126 5.10 -14.65 11.71
N GLY B 127 5.45 -13.39 11.93
CA GLY B 127 5.09 -12.70 13.16
C GLY B 127 5.92 -12.94 14.38
N GLN B 128 6.89 -13.84 14.27
CA GLN B 128 7.67 -14.19 15.44
C GLN B 128 9.05 -13.58 15.45
N LEU B 129 9.40 -12.92 16.54
CA LEU B 129 10.74 -12.37 16.69
C LEU B 129 11.34 -13.19 17.80
N GLU B 130 12.20 -14.14 17.45
CA GLU B 130 12.75 -15.07 18.42
C GLU B 130 11.61 -15.70 19.21
N GLU B 131 11.59 -15.51 20.52
CA GLU B 131 10.57 -16.15 21.34
C GLU B 131 9.35 -15.28 21.59
N GLU B 132 9.27 -14.14 20.90
CA GLU B 132 8.14 -13.24 21.08
C GLU B 132 7.20 -13.26 19.90
N SER B 133 5.91 -13.45 20.16
CA SER B 133 4.93 -13.42 19.09
C SER B 133 4.40 -12.01 18.98
N ILE B 134 4.87 -11.27 18.00
CA ILE B 134 4.38 -9.93 17.78
C ILE B 134 2.97 -10.09 17.21
N VAL B 135 2.83 -10.84 16.13
CA VAL B 135 1.50 -11.18 15.62
C VAL B 135 1.43 -12.69 15.39
N ASN B 136 0.20 -13.20 15.31
CA ASN B 136 0.00 -14.64 15.18
C ASN B 136 0.51 -15.17 13.85
N THR B 137 1.06 -16.38 13.87
CA THR B 137 1.47 -17.04 12.62
C THR B 137 0.27 -17.52 11.82
N VAL B 138 -0.82 -17.89 12.51
CA VAL B 138 -2.04 -18.31 11.83
C VAL B 138 -2.83 -17.08 11.43
N THR B 139 -3.19 -16.99 10.15
CA THR B 139 -3.94 -15.86 9.65
C THR B 139 -5.40 -16.23 9.40
N GLY B 140 -6.21 -15.20 9.20
CA GLY B 140 -7.56 -15.37 8.68
C GLY B 140 -7.75 -14.42 7.52
N ASN B 141 -8.67 -14.79 6.62
CA ASN B 141 -8.90 -13.99 5.43
C ASN B 141 -10.21 -14.42 4.79
N SER B 142 -11.04 -13.44 4.43
CA SER B 142 -12.29 -13.75 3.75
C SER B 142 -12.03 -14.30 2.35
N SER B 143 -12.91 -15.18 1.91
CA SER B 143 -12.99 -15.57 0.51
C SER B 143 -13.76 -14.53 -0.30
N LYS B 144 -13.70 -14.67 -1.63
CA LYS B 144 -14.59 -13.91 -2.50
C LYS B 144 -16.04 -14.13 -2.11
N GLU B 145 -16.41 -15.37 -1.81
CA GLU B 145 -17.79 -15.70 -1.48
C GLU B 145 -18.22 -15.05 -0.17
N GLY B 146 -17.38 -15.13 0.86
CA GLY B 146 -17.70 -14.44 2.11
C GLY B 146 -17.85 -12.95 1.92
N ALA B 147 -16.96 -12.35 1.11
CA ALA B 147 -17.02 -10.91 0.89
C ALA B 147 -18.26 -10.53 0.10
N TRP B 148 -18.65 -11.35 -0.87
CA TRP B 148 -19.86 -11.09 -1.65
C TRP B 148 -21.07 -10.87 -0.75
N VAL B 149 -21.29 -11.78 0.21
CA VAL B 149 -22.48 -11.65 1.04
C VAL B 149 -22.26 -10.64 2.16
N ARG B 150 -21.03 -10.53 2.69
CA ARG B 150 -20.72 -9.50 3.68
C ARG B 150 -21.04 -8.11 3.16
N ASP B 151 -20.68 -7.83 1.91
CA ASP B 151 -20.85 -6.50 1.36
C ASP B 151 -22.21 -6.30 0.72
N ARG B 152 -23.07 -7.32 0.79
CA ARG B 152 -24.45 -7.24 0.29
C ARG B 152 -24.51 -6.90 -1.20
N LEU B 153 -23.63 -7.51 -2.00
CA LEU B 153 -23.85 -7.47 -3.44
C LEU B 153 -25.13 -8.20 -3.80
N GLY B 154 -25.39 -9.31 -3.12
CA GLY B 154 -26.55 -10.14 -3.32
C GLY B 154 -26.65 -11.11 -2.17
N PRO B 155 -27.72 -11.89 -2.11
CA PRO B 155 -27.89 -12.82 -0.98
C PRO B 155 -26.97 -14.03 -1.05
N ALA B 156 -26.41 -14.32 -2.22
CA ALA B 156 -25.53 -15.46 -2.40
C ALA B 156 -24.53 -15.10 -3.49
N PRO B 157 -23.34 -15.71 -3.48
CA PRO B 157 -22.35 -15.39 -4.51
C PRO B 157 -22.91 -15.59 -5.92
N GLY B 158 -22.60 -14.63 -6.80
CA GLY B 158 -23.06 -14.65 -8.17
C GLY B 158 -24.37 -13.93 -8.39
N GLN B 159 -25.14 -13.70 -7.33
CA GLN B 159 -26.44 -13.06 -7.43
C GLN B 159 -26.33 -11.59 -7.03
N PHE B 160 -27.17 -10.77 -7.63
CA PHE B 160 -27.19 -9.35 -7.32
C PHE B 160 -28.58 -8.96 -6.90
N PHE B 161 -28.70 -8.04 -5.95
CA PHE B 161 -30.00 -7.55 -5.56
C PHE B 161 -30.57 -6.72 -6.71
N GLU B 162 -31.90 -6.63 -6.79
CA GLU B 162 -32.50 -5.79 -7.81
C GLU B 162 -32.08 -4.34 -7.63
N ASN B 163 -31.93 -3.60 -8.72
CA ASN B 163 -31.52 -2.19 -8.68
C ASN B 163 -30.17 -1.95 -8.00
N SER B 164 -29.30 -2.94 -8.07
CA SER B 164 -27.98 -2.84 -7.45
C SER B 164 -27.13 -1.71 -8.01
N GLN B 165 -26.37 -1.07 -7.13
CA GLN B 165 -25.46 -0.01 -7.58
C GLN B 165 -24.03 -0.50 -7.67
N PHE B 166 -23.81 -1.78 -7.49
CA PHE B 166 -22.46 -2.31 -7.66
C PHE B 166 -22.02 -2.19 -9.10
N PRO B 167 -20.76 -1.79 -9.33
CA PRO B 167 -20.23 -1.76 -10.70
C PRO B 167 -20.10 -3.16 -11.29
N ARG B 168 -21.20 -3.75 -11.73
CA ARG B 168 -21.20 -5.10 -12.26
C ARG B 168 -20.25 -5.28 -13.42
N GLY B 169 -19.53 -6.40 -13.44
CA GLY B 169 -18.57 -6.64 -14.51
C GLY B 169 -17.16 -6.41 -14.02
N TYR B 170 -17.03 -5.79 -12.85
CA TYR B 170 -15.71 -5.46 -12.32
C TYR B 170 -15.49 -6.14 -10.99
N GLU B 171 -16.02 -7.36 -10.88
CA GLU B 171 -15.88 -8.11 -9.65
C GLU B 171 -14.42 -8.48 -9.38
N ASP B 172 -13.68 -8.83 -10.41
CA ASP B 172 -12.26 -9.14 -10.23
C ASP B 172 -11.54 -7.99 -9.58
N ASN B 173 -11.66 -6.79 -10.15
CA ASN B 173 -11.01 -5.61 -9.59
C ASN B 173 -11.40 -5.41 -8.15
N TYR B 174 -12.69 -5.48 -7.88
CA TYR B 174 -13.20 -5.29 -6.53
C TYR B 174 -12.61 -6.24 -5.52
N PHE B 175 -12.68 -7.54 -5.82
CA PHE B 175 -12.23 -8.49 -4.83
C PHE B 175 -10.71 -8.53 -4.71
N LYS B 176 -10.01 -8.09 -5.75
CA LYS B 176 -8.55 -8.03 -5.70
C LYS B 176 -8.01 -6.99 -4.72
N GLU B 177 -8.85 -6.05 -4.31
CA GLU B 177 -8.44 -5.01 -3.37
C GLU B 177 -8.44 -5.48 -1.92
N MET B 178 -9.00 -6.67 -1.68
CA MET B 178 -9.13 -7.15 -0.31
C MET B 178 -8.06 -8.13 0.13
N GLY B 179 -7.75 -8.10 1.42
CA GLY B 179 -6.74 -9.01 1.94
C GLY B 179 -6.81 -9.25 3.44
N PHE B 180 -5.79 -9.92 3.95
CA PHE B 180 -5.74 -10.24 5.38
C PHE B 180 -5.22 -9.12 6.26
N SER B 181 -5.46 -9.23 7.56
CA SER B 181 -4.90 -8.27 8.49
C SER B 181 -4.24 -9.08 9.59
N PRO B 182 -2.96 -8.82 9.87
CA PRO B 182 -2.31 -9.51 11.00
C PRO B 182 -2.92 -9.11 12.33
N SER B 183 -2.63 -9.87 13.38
CA SER B 183 -3.26 -9.60 14.67
C SER B 183 -2.68 -8.45 15.49
N ILE B 184 -2.45 -7.31 14.86
CA ILE B 184 -1.97 -6.15 15.58
C ILE B 184 -3.10 -5.71 16.49
N SER B 185 -2.79 -5.33 17.72
CA SER B 185 -3.82 -4.89 18.62
C SER B 185 -4.54 -3.65 18.15
N SER B 186 -5.82 -3.56 18.45
CA SER B 186 -6.60 -2.40 18.06
C SER B 186 -6.09 -1.15 18.77
N ASP B 187 -5.54 -1.32 19.98
CA ASP B 187 -4.96 -0.19 20.69
C ASP B 187 -3.90 0.50 19.87
N GLU B 188 -3.03 -0.28 19.24
CA GLU B 188 -1.94 0.28 18.46
C GLU B 188 -2.42 0.94 17.17
N ILE B 189 -3.49 0.40 16.59
CA ILE B 189 -4.04 1.02 15.38
C ILE B 189 -4.65 2.36 15.78
N VAL B 190 -5.43 2.37 16.86
CA VAL B 190 -6.02 3.62 17.35
C VAL B 190 -4.91 4.62 17.67
N ASP B 191 -3.84 4.17 18.32
CA ASP B 191 -2.72 5.05 18.66
C ASP B 191 -2.14 5.76 17.46
N ALA B 192 -1.93 5.04 16.37
CA ALA B 192 -1.35 5.64 15.18
C ALA B 192 -2.22 6.77 14.65
N VAL B 193 -3.52 6.55 14.60
CA VAL B 193 -4.43 7.57 14.10
C VAL B 193 -4.55 8.74 15.07
N VAL B 194 -4.50 8.48 16.37
CA VAL B 194 -4.51 9.58 17.33
C VAL B 194 -3.30 10.48 17.05
N LYS B 195 -2.13 9.88 16.82
CA LYS B 195 -0.95 10.66 16.50
C LYS B 195 -1.11 11.46 15.22
N LEU B 196 -1.73 10.86 14.20
CA LEU B 196 -1.98 11.58 12.97
C LEU B 196 -2.90 12.76 13.22
N VAL B 197 -3.95 12.55 13.99
CA VAL B 197 -4.90 13.62 14.29
C VAL B 197 -4.21 14.78 15.01
N THR B 198 -3.29 14.48 15.92
CA THR B 198 -2.54 15.55 16.58
C THR B 198 -1.69 16.30 15.56
N HIS B 199 -1.03 15.57 14.67
CA HIS B 199 -0.20 16.19 13.66
C HIS B 199 -0.99 17.11 12.72
N ILE B 200 -2.17 16.68 12.31
CA ILE B 200 -2.98 17.46 11.37
C ILE B 200 -3.66 18.64 12.04
N GLY B 201 -4.29 18.39 13.18
CA GLY B 201 -5.05 19.44 13.81
C GLY B 201 -6.51 19.09 13.60
N PRO B 202 -7.42 20.04 13.85
CA PRO B 202 -8.85 19.79 13.68
C PRO B 202 -9.21 19.14 12.36
N CYS B 203 -9.95 18.03 12.41
CA CYS B 203 -10.27 17.30 11.20
C CYS B 203 -11.56 16.52 11.33
N VAL B 204 -11.98 15.86 10.25
CA VAL B 204 -13.18 15.03 10.29
C VAL B 204 -12.77 13.62 9.89
N LEU B 205 -13.19 12.61 10.65
CA LEU B 205 -12.90 11.24 10.30
C LEU B 205 -14.01 10.63 9.48
N VAL B 206 -13.68 10.03 8.34
CA VAL B 206 -14.67 9.33 7.55
C VAL B 206 -14.29 7.87 7.57
N THR B 207 -15.07 7.04 8.27
CA THR B 207 -14.68 5.66 8.43
C THR B 207 -15.55 4.67 7.68
N HIS B 208 -15.20 3.39 7.78
CA HIS B 208 -15.92 2.38 7.03
C HIS B 208 -15.83 1.03 7.71
N ALA B 209 -16.95 0.35 7.88
CA ALA B 209 -16.95 -1.00 8.44
C ALA B 209 -16.10 -1.19 9.67
N ALA B 210 -15.02 -1.96 9.54
CA ALA B 210 -14.18 -2.24 10.70
C ALA B 210 -13.56 -1.01 11.38
N SER B 211 -13.34 0.05 10.61
CA SER B 211 -12.73 1.24 11.19
C SER B 211 -13.74 2.12 11.91
N GLY B 212 -15.01 1.77 11.82
CA GLY B 212 -16.03 2.52 12.53
C GLY B 212 -15.77 2.62 14.03
N VAL B 213 -15.69 1.47 14.70
CA VAL B 213 -15.46 1.48 16.13
C VAL B 213 -14.13 2.12 16.48
N LEU B 214 -13.12 1.94 15.62
CA LEU B 214 -11.81 2.49 15.87
C LEU B 214 -11.83 4.02 15.78
N GLY B 215 -12.61 4.55 14.85
CA GLY B 215 -12.73 5.99 14.73
C GLY B 215 -13.45 6.60 15.91
N MET B 216 -14.46 5.90 16.43
CA MET B 216 -15.14 6.38 17.61
C MET B 216 -14.14 6.46 18.76
N ARG B 217 -13.32 5.42 18.91
CA ARG B 217 -12.31 5.41 19.95
C ARG B 217 -11.29 6.55 19.79
N VAL B 218 -10.84 6.79 18.57
CA VAL B 218 -9.91 7.88 18.32
C VAL B 218 -10.51 9.20 18.80
N ALA B 219 -11.76 9.45 18.48
CA ALA B 219 -12.42 10.69 18.89
C ALA B 219 -12.47 10.88 20.40
N THR B 220 -12.65 9.80 21.16
CA THR B 220 -12.64 9.92 22.62
C THR B 220 -11.28 10.27 23.16
N HIS B 221 -10.23 10.02 22.38
CA HIS B 221 -8.87 10.33 22.81
C HIS B 221 -8.34 11.58 22.13
N ALA B 222 -9.04 12.10 21.14
CA ALA B 222 -8.53 13.24 20.39
C ALA B 222 -9.57 14.32 20.12
N LYS B 223 -9.41 15.46 20.78
CA LYS B 223 -10.35 16.56 20.62
C LYS B 223 -10.33 17.18 19.22
N ASN B 224 -9.24 16.98 18.48
CA ASN B 224 -9.17 17.49 17.12
C ASN B 224 -10.15 16.82 16.18
N VAL B 225 -10.70 15.67 16.56
CA VAL B 225 -11.75 15.07 15.74
C VAL B 225 -12.97 15.90 15.95
N ARG B 226 -13.42 16.61 14.92
N ARG B 226 -13.42 16.61 14.92
CA ARG B 226 -14.57 17.49 15.08
CA ARG B 226 -14.57 17.49 15.08
C ARG B 226 -15.83 16.93 14.44
C ARG B 226 -15.83 16.94 14.43
N GLY B 227 -15.74 15.73 13.88
CA GLY B 227 -16.89 15.13 13.25
C GLY B 227 -16.58 13.73 12.79
N ILE B 228 -17.60 12.87 12.72
CA ILE B 228 -17.40 11.51 12.26
C ILE B 228 -18.50 11.08 11.30
N VAL B 229 -18.13 10.55 10.14
CA VAL B 229 -19.13 9.99 9.24
C VAL B 229 -18.70 8.53 9.08
N ALA B 230 -19.56 7.60 9.49
CA ALA B 230 -19.18 6.20 9.44
C ALA B 230 -20.03 5.41 8.47
N TYR B 231 -19.41 4.88 7.43
CA TYR B 231 -20.14 4.06 6.47
C TYR B 231 -20.23 2.63 6.93
N GLU B 232 -21.44 2.14 7.14
CA GLU B 232 -21.65 0.75 7.56
C GLU B 232 -20.75 0.22 8.67
N PRO B 233 -20.74 0.87 9.85
CA PRO B 233 -19.80 0.39 10.87
C PRO B 233 -20.07 -1.05 11.28
N ALA B 234 -19.01 -1.80 11.59
CA ALA B 234 -19.19 -3.22 11.91
C ALA B 234 -19.37 -3.55 13.38
N THR B 235 -18.83 -2.72 14.26
CA THR B 235 -18.91 -3.01 15.69
C THR B 235 -19.48 -1.83 16.47
N SER B 236 -20.46 -2.09 17.32
CA SER B 236 -21.08 -1.04 18.11
C SER B 236 -20.27 -0.63 19.34
N ILE B 237 -20.58 0.53 19.89
CA ILE B 237 -19.85 1.02 21.05
C ILE B 237 -20.81 1.52 22.14
N PHE B 238 -20.54 1.16 23.38
CA PHE B 238 -21.44 1.53 24.48
C PHE B 238 -20.65 1.89 25.71
N PRO B 239 -21.28 2.57 26.69
CA PRO B 239 -20.55 2.80 27.93
C PRO B 239 -20.36 1.50 28.69
N LYS B 240 -19.29 1.39 29.46
CA LYS B 240 -19.01 0.16 30.21
C LYS B 240 -20.16 -0.25 31.11
N GLY B 241 -20.63 -1.49 30.95
CA GLY B 241 -21.70 -1.98 31.80
C GLY B 241 -23.08 -1.54 31.37
N LYS B 242 -23.17 -0.86 30.24
CA LYS B 242 -24.45 -0.35 29.78
C LYS B 242 -24.80 -0.83 28.38
N VAL B 243 -24.37 -2.03 28.02
CA VAL B 243 -24.74 -2.58 26.73
C VAL B 243 -26.16 -3.11 26.87
N PRO B 244 -27.07 -2.63 26.02
CA PRO B 244 -28.46 -3.10 26.06
C PRO B 244 -28.62 -4.51 25.55
N GLU B 245 -29.80 -5.07 25.76
CA GLU B 245 -30.05 -6.42 25.28
C GLU B 245 -30.06 -6.44 23.77
N ILE B 246 -29.23 -7.29 23.20
CA ILE B 246 -29.18 -7.41 21.76
C ILE B 246 -29.55 -8.84 21.41
N PRO B 247 -30.58 -9.02 20.59
CA PRO B 247 -31.03 -10.36 20.25
C PRO B 247 -30.02 -11.16 19.45
N PRO B 248 -30.00 -12.48 19.62
CA PRO B 248 -29.12 -13.29 18.77
C PRO B 248 -29.68 -13.34 17.36
N LEU B 249 -28.94 -13.94 16.44
CA LEU B 249 -29.39 -13.99 15.06
C LEU B 249 -30.52 -14.98 14.87
N ALA B 250 -31.15 -14.98 13.69
CA ALA B 250 -32.28 -15.86 13.43
C ALA B 250 -31.96 -17.36 13.48
N ASP B 251 -30.68 -17.72 13.35
CA ASP B 251 -30.30 -19.13 13.47
C ASP B 251 -30.26 -19.60 14.92
N LYS B 252 -30.55 -18.70 15.86
CA LYS B 252 -30.56 -19.03 17.29
C LYS B 252 -29.25 -19.55 17.86
N LYS B 253 -28.14 -19.26 17.20
CA LYS B 253 -26.84 -19.70 17.71
C LYS B 253 -25.81 -18.61 17.54
N SER B 254 -25.98 -17.77 16.54
CA SER B 254 -24.98 -16.76 16.26
C SER B 254 -25.33 -15.44 16.90
N GLN B 255 -24.31 -14.60 17.09
CA GLN B 255 -24.54 -13.30 17.65
C GLN B 255 -23.72 -12.33 16.83
N ILE B 256 -23.96 -11.05 16.99
CA ILE B 256 -23.15 -10.05 16.30
C ILE B 256 -21.84 -9.84 17.04
N PHE B 257 -21.00 -8.94 16.55
CA PHE B 257 -19.73 -8.68 17.21
C PHE B 257 -19.98 -8.13 18.60
N PRO B 258 -19.30 -8.67 19.61
CA PRO B 258 -19.43 -8.13 20.96
C PRO B 258 -19.17 -6.63 21.01
N PRO B 259 -20.14 -5.85 21.48
CA PRO B 259 -19.95 -4.40 21.47
C PRO B 259 -18.76 -3.94 22.30
N PHE B 260 -18.05 -2.94 21.79
CA PHE B 260 -16.93 -2.40 22.55
C PHE B 260 -17.43 -1.52 23.68
N GLU B 261 -16.84 -1.67 24.85
CA GLU B 261 -17.26 -0.87 26.00
C GLU B 261 -16.15 0.02 26.50
N ILE B 262 -16.45 1.30 26.70
CA ILE B 262 -15.46 2.24 27.22
C ILE B 262 -15.99 2.97 28.45
N GLN B 263 -15.10 3.54 29.24
CA GLN B 263 -15.53 4.31 30.40
C GLN B 263 -16.45 5.42 30.00
N GLU B 264 -17.42 5.73 30.86
CA GLU B 264 -18.39 6.76 30.53
C GLU B 264 -17.76 8.11 30.27
N SER B 265 -16.70 8.45 30.99
CA SER B 265 -16.00 9.70 30.73
C SER B 265 -15.59 9.81 29.27
N TYR B 266 -14.99 8.76 28.74
CA TYR B 266 -14.60 8.75 27.33
C TYR B 266 -15.81 8.72 26.41
N PHE B 267 -16.80 7.89 26.73
CA PHE B 267 -18.01 7.84 25.92
C PHE B 267 -18.68 9.22 25.79
N LYS B 268 -18.64 10.01 26.85
CA LYS B 268 -19.27 11.33 26.84
C LYS B 268 -18.63 12.28 25.83
N LYS B 269 -17.37 12.04 25.48
CA LYS B 269 -16.72 12.88 24.47
C LYS B 269 -17.39 12.75 23.11
N LEU B 270 -18.05 11.63 22.85
CA LEU B 270 -18.74 11.43 21.59
C LEU B 270 -19.95 12.33 21.46
N ALA B 271 -20.47 12.81 22.58
CA ALA B 271 -21.63 13.68 22.56
C ALA B 271 -21.30 15.13 22.21
N LYS B 272 -20.02 15.44 22.08
CA LYS B 272 -19.61 16.81 21.82
C LYS B 272 -19.40 17.12 20.33
N ILE B 273 -19.46 16.09 19.49
CA ILE B 273 -19.22 16.29 18.06
C ILE B 273 -20.35 15.67 17.22
N PRO B 274 -20.58 16.23 16.02
CA PRO B 274 -21.58 15.62 15.14
C PRO B 274 -21.15 14.25 14.61
N ILE B 275 -22.02 13.26 14.72
CA ILE B 275 -21.69 11.91 14.26
C ILE B 275 -22.81 11.39 13.36
N GLN B 276 -22.47 10.83 12.20
CA GLN B 276 -23.48 10.27 11.33
C GLN B 276 -23.10 8.86 10.87
N PHE B 277 -24.02 7.91 11.07
CA PHE B 277 -23.78 6.55 10.60
C PHE B 277 -24.55 6.39 9.30
N VAL B 278 -23.92 5.90 8.26
CA VAL B 278 -24.58 5.78 6.96
C VAL B 278 -24.73 4.33 6.52
N PHE B 279 -25.95 3.91 6.21
CA PHE B 279 -26.17 2.53 5.78
C PHE B 279 -26.78 2.46 4.39
N GLY B 280 -26.36 1.47 3.62
CA GLY B 280 -26.90 1.27 2.29
C GLY B 280 -28.18 0.46 2.24
N ASP B 281 -28.42 -0.23 1.13
CA ASP B 281 -29.68 -0.94 0.97
C ASP B 281 -29.64 -2.43 1.27
N ASN B 282 -30.81 -3.06 1.24
CA ASN B 282 -30.93 -4.50 1.43
C ASN B 282 -30.61 -5.09 2.79
N ILE B 283 -30.74 -4.30 3.84
CA ILE B 283 -30.58 -4.83 5.19
C ILE B 283 -32.01 -5.18 5.57
N PRO B 284 -32.27 -6.47 5.84
CA PRO B 284 -33.66 -6.86 6.11
C PRO B 284 -34.24 -6.28 7.38
N LYS B 285 -35.55 -6.09 7.40
CA LYS B 285 -36.20 -5.58 8.60
C LYS B 285 -36.61 -6.75 9.48
N ASN B 286 -36.84 -7.89 8.86
CA ASN B 286 -37.28 -9.07 9.60
C ASN B 286 -36.21 -10.15 9.61
N PRO B 287 -36.26 -11.06 10.59
CA PRO B 287 -35.31 -12.17 10.64
C PRO B 287 -35.11 -12.92 9.33
N LYS B 288 -33.85 -13.21 8.98
CA LYS B 288 -33.54 -13.90 7.74
C LYS B 288 -32.59 -15.06 8.02
N SER B 289 -33.16 -16.22 8.36
CA SER B 289 -32.32 -17.38 8.71
C SER B 289 -31.55 -17.98 7.54
N ALA B 290 -32.04 -17.78 6.31
CA ALA B 290 -31.38 -18.39 5.16
C ALA B 290 -30.15 -17.61 4.72
N TYR B 291 -30.00 -16.37 5.16
CA TYR B 291 -28.88 -15.55 4.72
C TYR B 291 -28.19 -14.94 5.93
N TRP B 292 -27.18 -15.63 6.42
CA TRP B 292 -26.49 -15.19 7.63
C TRP B 292 -26.07 -13.74 7.69
N PHE B 293 -25.37 -13.26 6.67
CA PHE B 293 -24.87 -11.89 6.74
C PHE B 293 -25.94 -10.83 6.62
N LEU B 294 -27.01 -11.12 5.91
CA LEU B 294 -28.11 -10.17 5.84
C LEU B 294 -28.68 -10.02 7.24
N ASP B 295 -28.91 -11.15 7.91
CA ASP B 295 -29.42 -11.10 9.28
C ASP B 295 -28.43 -10.46 10.25
N TRP B 296 -27.15 -10.72 10.06
CA TRP B 296 -26.13 -10.11 10.90
C TRP B 296 -26.25 -8.60 10.79
N TRP B 297 -26.36 -8.09 9.57
CA TRP B 297 -26.47 -6.67 9.36
C TRP B 297 -27.71 -6.06 10.00
N ARG B 298 -28.81 -6.79 9.98
CA ARG B 298 -30.03 -6.32 10.61
C ARG B 298 -29.80 -6.03 12.09
N VAL B 299 -29.25 -7.01 12.80
CA VAL B 299 -29.05 -6.85 14.23
C VAL B 299 -27.90 -5.89 14.54
N THR B 300 -26.89 -5.84 13.66
CA THR B 300 -25.80 -4.90 13.86
C THR B 300 -26.31 -3.46 13.73
N ARG B 301 -27.13 -3.20 12.72
CA ARG B 301 -27.70 -1.87 12.54
C ARG B 301 -28.57 -1.51 13.73
N TYR B 302 -29.30 -2.50 14.25
CA TYR B 302 -30.12 -2.27 15.44
C TYR B 302 -29.25 -1.86 16.62
N ALA B 303 -28.16 -2.56 16.85
CA ALA B 303 -27.26 -2.21 17.94
C ALA B 303 -26.70 -0.79 17.77
N HIS B 304 -26.38 -0.43 16.53
CA HIS B 304 -25.88 0.91 16.27
C HIS B 304 -26.93 1.97 16.58
N SER B 305 -28.19 1.70 16.27
CA SER B 305 -29.24 2.65 16.60
C SER B 305 -29.30 2.91 18.11
N LEU B 306 -29.12 1.86 18.90
CA LEU B 306 -29.10 2.04 20.35
C LEU B 306 -27.85 2.77 20.83
N SER B 307 -26.74 2.57 20.15
CA SER B 307 -25.51 3.29 20.50
C SER B 307 -25.69 4.77 20.25
N LEU B 308 -26.27 5.12 19.13
CA LEU B 308 -26.52 6.52 18.83
C LEU B 308 -27.51 7.12 19.81
N GLU B 309 -28.51 6.34 20.23
CA GLU B 309 -29.46 6.83 21.23
C GLU B 309 -28.76 7.16 22.53
N ALA B 310 -27.82 6.31 22.93
CA ALA B 310 -27.08 6.55 24.15
C ALA B 310 -26.26 7.84 24.07
N ILE B 311 -25.64 8.07 22.92
CA ILE B 311 -24.88 9.30 22.73
C ILE B 311 -25.82 10.51 22.83
N ASN B 312 -26.97 10.42 22.18
CA ASN B 312 -27.92 11.54 22.19
C ASN B 312 -28.50 11.81 23.58
N LYS B 313 -28.64 10.77 24.39
CA LYS B 313 -29.14 10.96 25.74
C LYS B 313 -28.11 11.62 26.63
N LEU B 314 -26.85 11.63 26.20
CA LEU B 314 -25.82 12.34 26.96
C LEU B 314 -25.60 13.74 26.38
N GLY B 315 -26.50 14.17 25.50
CA GLY B 315 -26.41 15.52 24.94
C GLY B 315 -25.80 15.56 23.55
N GLY B 316 -25.78 14.43 22.87
CA GLY B 316 -25.13 14.37 21.57
C GLY B 316 -25.83 14.80 20.32
N GLN B 317 -25.12 14.71 19.19
CA GLN B 317 -25.68 15.05 17.90
C GLN B 317 -25.42 13.88 16.98
N ALA B 318 -25.96 12.72 17.33
CA ALA B 318 -25.70 11.52 16.56
C ALA B 318 -26.90 11.12 15.72
N SER B 319 -26.65 10.66 14.49
CA SER B 319 -27.76 10.34 13.59
C SER B 319 -27.49 9.13 12.72
N LEU B 320 -28.56 8.50 12.26
CA LEU B 320 -28.42 7.35 11.37
C LEU B 320 -29.05 7.71 10.04
N LEU B 321 -28.28 7.61 8.97
CA LEU B 321 -28.79 7.91 7.65
C LEU B 321 -28.93 6.64 6.83
N ASP B 322 -30.16 6.28 6.50
CA ASP B 322 -30.35 5.14 5.63
C ASP B 322 -30.47 5.72 4.24
N LEU B 323 -29.56 5.34 3.36
CA LEU B 323 -29.58 5.84 1.99
C LEU B 323 -30.91 5.70 1.23
N PRO B 324 -31.63 4.55 1.39
CA PRO B 324 -32.93 4.51 0.73
C PRO B 324 -33.92 5.61 1.12
N THR B 325 -33.89 6.04 2.37
CA THR B 325 -34.77 7.12 2.81
C THR B 325 -34.36 8.45 2.19
N ALA B 326 -33.11 8.56 1.76
CA ALA B 326 -32.65 9.77 1.09
C ALA B 326 -32.88 9.68 -0.41
N GLY B 327 -33.50 8.60 -0.87
CA GLY B 327 -33.81 8.46 -2.29
C GLY B 327 -32.80 7.67 -3.09
N LEU B 328 -31.85 7.05 -2.41
CA LEU B 328 -30.81 6.29 -3.10
C LEU B 328 -31.04 4.81 -2.89
N ARG B 329 -31.33 4.08 -3.95
CA ARG B 329 -31.62 2.66 -3.82
C ARG B 329 -30.54 1.77 -4.40
N GLY B 330 -30.30 0.63 -3.78
CA GLY B 330 -29.35 -0.33 -4.31
C GLY B 330 -27.92 -0.33 -3.82
N ASN B 331 -27.61 0.53 -2.85
CA ASN B 331 -26.21 0.61 -2.41
C ASN B 331 -25.73 -0.60 -1.65
N THR B 332 -24.47 -0.95 -1.87
CA THR B 332 -23.87 -2.04 -1.14
C THR B 332 -23.24 -1.50 0.13
N ALA B 333 -22.39 -2.29 0.77
CA ALA B 333 -21.69 -1.82 1.97
C ALA B 333 -20.53 -0.90 1.63
N PHE B 334 -20.32 -0.62 0.34
CA PHE B 334 -19.28 0.32 -0.08
C PHE B 334 -19.97 1.40 -0.90
N PRO B 335 -20.79 2.26 -0.27
CA PRO B 335 -21.55 3.21 -1.10
C PRO B 335 -20.66 4.22 -1.81
N PHE B 336 -19.46 4.46 -1.28
CA PHE B 336 -18.52 5.42 -1.85
C PHE B 336 -17.80 4.91 -3.09
N THR B 337 -18.00 3.65 -3.46
CA THR B 337 -17.43 3.14 -4.71
C THR B 337 -18.52 2.61 -5.63
N ASP B 338 -19.77 2.76 -5.20
CA ASP B 338 -20.89 2.32 -6.02
C ASP B 338 -21.13 3.23 -7.21
N ARG B 339 -22.00 2.81 -8.12
CA ARG B 339 -22.25 3.60 -9.32
C ARG B 339 -22.82 4.97 -9.02
N ASN B 340 -23.51 5.10 -7.89
CA ASN B 340 -24.07 6.39 -7.49
C ASN B 340 -23.22 7.11 -6.44
N ASN B 341 -21.92 6.86 -6.43
CA ASN B 341 -21.07 7.47 -5.41
C ASN B 341 -20.99 8.99 -5.41
N VAL B 342 -21.30 9.62 -6.55
CA VAL B 342 -21.33 11.08 -6.59
C VAL B 342 -22.50 11.58 -5.73
N GLN B 343 -23.62 10.88 -5.79
CA GLN B 343 -24.78 11.26 -5.00
C GLN B 343 -24.51 10.97 -3.53
N VAL B 344 -23.77 9.91 -3.25
CA VAL B 344 -23.40 9.62 -1.86
C VAL B 344 -22.46 10.72 -1.37
N ALA B 345 -21.55 11.17 -2.21
CA ALA B 345 -20.64 12.25 -1.85
C ALA B 345 -21.40 13.54 -1.57
N SER B 346 -22.46 13.78 -2.32
CA SER B 346 -23.26 14.98 -2.12
C SER B 346 -23.85 15.01 -0.73
N LEU B 347 -24.27 13.84 -0.24
CA LEU B 347 -24.82 13.76 1.12
C LEU B 347 -23.75 13.99 2.17
N LEU B 348 -22.52 13.58 1.89
CA LEU B 348 -21.44 13.85 2.84
C LEU B 348 -21.17 15.34 2.85
N SER B 349 -21.13 15.97 1.67
CA SER B 349 -20.95 17.41 1.61
C SER B 349 -22.06 18.14 2.37
N ASP B 350 -23.28 17.61 2.31
CA ASP B 350 -24.40 18.21 3.04
C ASP B 350 -24.14 18.17 4.54
N PHE B 351 -23.72 17.02 5.06
CA PHE B 351 -23.40 16.91 6.48
C PHE B 351 -22.30 17.89 6.87
N LEU B 352 -21.22 17.96 6.07
CA LEU B 352 -20.15 18.88 6.40
C LEU B 352 -20.63 20.32 6.37
N GLY B 353 -21.50 20.66 5.42
CA GLY B 353 -22.01 22.02 5.35
C GLY B 353 -22.93 22.35 6.52
N LYS B 354 -23.75 21.39 6.94
CA LYS B 354 -24.69 21.64 8.04
C LYS B 354 -23.97 22.05 9.32
N HIS B 355 -22.79 21.50 9.56
CA HIS B 355 -22.05 21.74 10.79
C HIS B 355 -20.87 22.67 10.60
N GLY B 356 -20.81 23.37 9.46
CA GLY B 356 -19.77 24.35 9.22
C GLY B 356 -18.39 23.79 9.02
N LEU B 357 -18.28 22.48 8.83
CA LEU B 357 -16.99 21.83 8.64
C LEU B 357 -16.42 22.03 7.25
N ASP B 358 -17.14 22.73 6.36
CA ASP B 358 -16.66 23.16 5.05
C ASP B 358 -16.36 24.65 5.00
N GLN B 359 -16.19 25.28 6.16
CA GLN B 359 -15.92 26.71 6.26
C GLN B 359 -14.67 26.94 7.10
N ASN B 360 -13.94 28.00 6.77
CA ASN B 360 -12.67 28.31 7.43
C ASN B 360 -12.84 29.02 8.77
#